data_1PTH
#
_entry.id   1PTH
#
_cell.length_a   99.570
_cell.length_b   209.800
_cell.length_c   235.000
_cell.angle_alpha   90.00
_cell.angle_beta   90.00
_cell.angle_gamma   90.00
#
_symmetry.space_group_name_H-M   'I 2 2 2'
#
loop_
_entity.id
_entity.type
_entity.pdbx_description
1 polymer 'PROSTAGLANDIN H2 SYNTHASE-1'
2 branched 2-acetamido-2-deoxy-beta-D-glucopyranose-(1-4)-2-acetamido-2-deoxy-beta-D-glucopyranose
3 non-polymer 2-acetamido-2-deoxy-beta-D-glucopyranose
4 non-polymer 'octyl beta-D-glucopyranoside'
5 non-polymer 'PROTOPORPHYRIN IX CONTAINING FE'
6 non-polymer '2-HYDROXYBENZOIC ACID'
7 water water
#
_entity_poly.entity_id   1
_entity_poly.type   'polypeptide(L)'
_entity_poly.pdbx_seq_one_letter_code
;ADPGAPAPVNPCCYYPCQHQGICVRFGLDRYQCDCTRTGYSGPNCTIPEIWTWLRTTLRPSPSFIHFLLTHGRWLWDFVN
ATFIRDTLMRLVLTVRSNLIPSPPTYNIAHDYISWESFSNVSYYTRILPSVPRDCPTPMGTKGKKQLPDAEFLSRRFLLR
RKFIPDPQGTNLMFAFFAQHFTHQFFKTSGKMGPGFTKALGHGVDLGHIYGDNLERQYQLRLFKDGKLKYQMLNGEVYPP
SVEEAPVLMHYPRGIPPQSQMAVGQEVFGLLPGLMLYATIWLREHNRVCDLLKAEHPTWGDEQLFQTARLILIGETIKIV
IEEYVQQLSGYFLQLKFDPELLFGAQFQYRNRIAMEFNQLYHWHPLMPDSFRVGPQDYSYEQFLFNTSMLVDYGVEALVD
AFSRQPAGRIGGGRNIDHHILHVAVDVIKESRVLRLQPFNEYRKRFGMKPYTSFQELTGEKEMAAELEELYGDIDALEFY
PGLLLEKCHPNSIFGESMIEMGAPF(0AH)LKGLLGNPICSPEYWKASTFGGEVGFNLVKTATLKKLVCLNTKTCPYVSF
HVPDPRQEDRPGVERPPTEL
;
_entity_poly.pdbx_strand_id   A,B
#
# COMPACT_ATOMS: atom_id res chain seq x y z
N VAL A 9 2.02 -26.42 -28.50
CA VAL A 9 2.64 -25.05 -28.38
C VAL A 9 1.77 -24.23 -27.44
N ASN A 10 2.37 -23.50 -26.50
CA ASN A 10 1.57 -22.69 -25.59
C ASN A 10 0.69 -21.69 -26.36
N PRO A 11 -0.63 -21.89 -26.37
CA PRO A 11 -1.56 -21.00 -27.09
C PRO A 11 -1.44 -19.54 -26.67
N CYS A 12 -1.09 -19.31 -25.41
CA CYS A 12 -0.94 -17.95 -24.97
C CYS A 12 0.23 -17.26 -25.64
N CYS A 13 1.07 -18.04 -26.31
CA CYS A 13 2.19 -17.48 -27.03
C CYS A 13 1.68 -16.62 -28.17
N TYR A 14 0.50 -16.97 -28.66
CA TYR A 14 -0.07 -16.23 -29.78
C TYR A 14 -0.71 -14.94 -29.33
N TYR A 15 -0.57 -14.64 -28.04
CA TYR A 15 -1.16 -13.43 -27.49
C TYR A 15 -2.59 -13.31 -28.03
N PRO A 16 -3.43 -14.35 -27.83
CA PRO A 16 -4.81 -14.34 -28.31
C PRO A 16 -5.77 -13.28 -27.76
N CYS A 17 -5.75 -13.12 -26.45
CA CYS A 17 -6.66 -12.18 -25.79
C CYS A 17 -6.39 -10.72 -26.06
N GLN A 18 -7.41 -10.05 -26.59
CA GLN A 18 -7.35 -8.63 -26.93
C GLN A 18 -7.80 -7.65 -25.86
N HIS A 19 -7.46 -6.39 -26.08
CA HIS A 19 -7.82 -5.32 -25.19
C HIS A 19 -7.69 -5.55 -23.68
N GLN A 20 -6.61 -6.22 -23.29
CA GLN A 20 -6.35 -6.47 -21.88
C GLN A 20 -7.10 -7.69 -21.35
N GLY A 21 -7.56 -8.54 -22.25
CA GLY A 21 -8.20 -9.76 -21.78
C GLY A 21 -7.05 -10.55 -21.18
N ILE A 22 -7.30 -11.57 -20.37
CA ILE A 22 -6.21 -12.35 -19.76
C ILE A 22 -6.12 -13.74 -20.35
N CYS A 23 -4.96 -14.13 -20.85
CA CYS A 23 -4.91 -15.47 -21.44
C CYS A 23 -4.69 -16.47 -20.35
N VAL A 24 -5.61 -17.40 -20.15
CA VAL A 24 -5.39 -18.40 -19.12
C VAL A 24 -5.29 -19.73 -19.83
N ARG A 25 -4.27 -20.51 -19.55
CA ARG A 25 -4.19 -21.78 -20.23
C ARG A 25 -5.05 -22.80 -19.51
N PHE A 26 -5.55 -23.78 -20.24
CA PHE A 26 -6.37 -24.83 -19.64
C PHE A 26 -6.01 -26.10 -20.36
N GLY A 27 -6.14 -27.25 -19.68
CA GLY A 27 -5.82 -28.51 -20.33
C GLY A 27 -4.41 -28.48 -20.88
N LEU A 28 -4.05 -29.49 -21.67
CA LEU A 28 -2.69 -29.48 -22.19
C LEU A 28 -2.59 -28.40 -23.20
N ASP A 29 -3.58 -28.38 -24.08
CA ASP A 29 -3.67 -27.36 -25.12
C ASP A 29 -4.53 -26.27 -24.50
N ARG A 30 -5.64 -25.93 -25.14
CA ARG A 30 -6.60 -24.91 -24.68
C ARG A 30 -6.10 -23.67 -23.96
N TYR A 31 -6.99 -22.70 -23.90
CA TYR A 31 -6.69 -21.46 -23.26
C TYR A 31 -8.02 -20.74 -23.27
N GLN A 32 -8.18 -19.77 -22.38
CA GLN A 32 -9.41 -18.99 -22.30
C GLN A 32 -9.02 -17.56 -21.98
N CYS A 33 -9.69 -16.61 -22.61
CA CYS A 33 -9.39 -15.21 -22.35
C CYS A 33 -10.34 -14.62 -21.35
N ASP A 34 -9.81 -14.00 -20.31
CA ASP A 34 -10.67 -13.40 -19.33
C ASP A 34 -10.90 -11.94 -19.74
N CYS A 35 -12.05 -11.68 -20.33
CA CYS A 35 -12.37 -10.31 -20.75
C CYS A 35 -13.23 -9.61 -19.71
N THR A 36 -12.98 -9.88 -18.43
CA THR A 36 -13.77 -9.22 -17.41
C THR A 36 -13.49 -7.74 -17.48
N ARG A 37 -14.55 -6.95 -17.49
CA ARG A 37 -14.47 -5.49 -17.55
C ARG A 37 -13.50 -5.02 -18.64
N THR A 38 -13.40 -5.79 -19.71
CA THR A 38 -12.48 -5.43 -20.79
C THR A 38 -13.05 -4.40 -21.74
N GLY A 39 -14.35 -4.45 -21.96
CA GLY A 39 -14.95 -3.52 -22.89
C GLY A 39 -15.33 -4.32 -24.12
N TYR A 40 -14.77 -5.52 -24.24
CA TYR A 40 -15.06 -6.40 -25.36
C TYR A 40 -15.49 -7.76 -24.83
N SER A 41 -16.18 -8.48 -25.70
CA SER A 41 -16.67 -9.83 -25.43
C SER A 41 -16.11 -10.68 -26.52
N GLY A 42 -16.42 -11.96 -26.49
CA GLY A 42 -15.88 -12.80 -27.52
C GLY A 42 -14.89 -13.74 -26.93
N PRO A 43 -14.33 -14.66 -27.72
CA PRO A 43 -13.36 -15.67 -27.29
C PRO A 43 -11.99 -15.05 -27.09
N ASN A 44 -11.74 -13.95 -27.80
CA ASN A 44 -10.47 -13.24 -27.68
C ASN A 44 -10.68 -11.79 -27.26
N CYS A 45 -11.84 -11.50 -26.68
CA CYS A 45 -12.14 -10.13 -26.26
C CYS A 45 -12.01 -9.15 -27.42
N THR A 46 -12.71 -9.43 -28.51
CA THR A 46 -12.68 -8.60 -29.69
C THR A 46 -13.98 -7.91 -30.06
N ILE A 47 -15.11 -8.46 -29.63
CA ILE A 47 -16.41 -7.88 -29.92
C ILE A 47 -16.78 -6.79 -28.92
N PRO A 48 -16.68 -5.54 -29.30
CA PRO A 48 -17.01 -4.45 -28.41
C PRO A 48 -18.45 -4.36 -27.99
N GLU A 49 -18.66 -3.47 -27.03
CA GLU A 49 -19.98 -3.16 -26.47
C GLU A 49 -20.30 -1.87 -27.18
N ILE A 50 -21.57 -1.54 -27.32
CA ILE A 50 -21.90 -0.35 -28.05
C ILE A 50 -21.14 0.88 -27.66
N TRP A 51 -21.10 1.12 -26.36
CA TRP A 51 -20.41 2.28 -25.86
C TRP A 51 -18.93 2.16 -26.16
N THR A 52 -18.35 0.98 -25.97
CA THR A 52 -16.94 0.81 -26.24
C THR A 52 -16.57 1.10 -27.67
N TRP A 53 -17.38 0.59 -28.60
CA TRP A 53 -17.12 0.81 -30.02
C TRP A 53 -17.27 2.29 -30.29
N LEU A 54 -18.40 2.83 -29.87
CA LEU A 54 -18.67 4.24 -30.07
C LEU A 54 -17.53 5.09 -29.50
N ARG A 55 -17.00 4.68 -28.35
CA ARG A 55 -15.93 5.41 -27.69
C ARG A 55 -14.65 5.37 -28.51
N THR A 56 -14.29 4.21 -29.00
CA THR A 56 -13.08 4.13 -29.77
C THR A 56 -13.19 4.70 -31.17
N THR A 57 -14.37 4.68 -31.78
CA THR A 57 -14.52 5.22 -33.12
C THR A 57 -14.32 6.72 -33.14
N LEU A 58 -14.56 7.37 -32.01
CA LEU A 58 -14.38 8.80 -31.94
C LEU A 58 -13.04 9.19 -31.35
N ARG A 59 -12.39 8.27 -30.63
CA ARG A 59 -11.10 8.57 -30.03
C ARG A 59 -10.17 9.15 -31.06
N PRO A 60 -9.85 10.45 -30.95
CA PRO A 60 -8.95 11.13 -31.89
C PRO A 60 -7.52 10.70 -31.69
N SER A 61 -6.85 10.55 -32.82
CA SER A 61 -5.47 10.13 -32.87
C SER A 61 -4.59 10.82 -31.86
N PRO A 62 -3.73 10.03 -31.19
CA PRO A 62 -2.83 10.58 -30.20
C PRO A 62 -2.03 11.69 -30.88
N SER A 63 -1.68 11.46 -32.13
CA SER A 63 -0.93 12.42 -32.90
C SER A 63 -1.70 13.74 -32.97
N PHE A 64 -2.99 13.67 -33.29
CA PHE A 64 -3.83 14.86 -33.40
C PHE A 64 -3.80 15.64 -32.11
N ILE A 65 -4.13 14.94 -31.04
CA ILE A 65 -4.17 15.53 -29.74
C ILE A 65 -2.86 16.28 -29.51
N HIS A 66 -1.73 15.61 -29.76
CA HIS A 66 -0.42 16.24 -29.57
C HIS A 66 -0.31 17.53 -30.34
N PHE A 67 -0.80 17.50 -31.56
CA PHE A 67 -0.76 18.65 -32.40
C PHE A 67 -1.47 19.82 -31.74
N LEU A 68 -2.70 19.58 -31.34
CA LEU A 68 -3.48 20.60 -30.68
C LEU A 68 -2.72 21.15 -29.47
N LEU A 69 -2.28 20.26 -28.58
CA LEU A 69 -1.56 20.69 -27.38
C LEU A 69 -0.27 21.44 -27.64
N THR A 70 0.10 21.61 -28.89
CA THR A 70 1.34 22.29 -29.23
C THR A 70 1.24 23.44 -30.19
N HIS A 71 0.01 23.87 -30.46
CA HIS A 71 -0.24 25.00 -31.34
C HIS A 71 -1.27 25.92 -30.81
N GLY A 72 -1.28 27.13 -31.35
CA GLY A 72 -2.27 28.11 -30.95
C GLY A 72 -1.97 28.78 -29.65
N ARG A 73 -0.68 28.99 -29.36
CA ARG A 73 -0.22 29.62 -28.13
C ARG A 73 -1.28 30.61 -27.69
N TRP A 74 -1.73 31.43 -28.64
CA TRP A 74 -2.75 32.43 -28.40
C TRP A 74 -4.00 31.85 -27.78
N LEU A 75 -4.58 30.88 -28.46
CA LEU A 75 -5.78 30.26 -27.97
C LEU A 75 -5.52 29.64 -26.61
N TRP A 76 -4.38 28.95 -26.49
CA TRP A 76 -4.05 28.29 -25.24
C TRP A 76 -3.88 29.24 -24.09
N ASP A 77 -3.24 30.36 -24.34
CA ASP A 77 -3.04 31.34 -23.28
C ASP A 77 -4.35 31.73 -22.63
N PHE A 78 -5.37 31.88 -23.46
CA PHE A 78 -6.67 32.23 -22.95
C PHE A 78 -7.14 31.09 -22.04
N VAL A 79 -7.11 29.89 -22.61
CA VAL A 79 -7.53 28.70 -21.91
C VAL A 79 -6.78 28.53 -20.59
N ASN A 80 -5.46 28.66 -20.59
CA ASN A 80 -4.70 28.52 -19.35
C ASN A 80 -5.19 29.46 -18.28
N ALA A 81 -5.88 30.51 -18.71
CA ALA A 81 -6.37 31.51 -17.80
C ALA A 81 -7.83 31.34 -17.39
N THR A 82 -8.48 30.33 -17.94
CA THR A 82 -9.88 30.07 -17.60
C THR A 82 -9.91 28.85 -16.68
N PHE A 83 -11.12 28.39 -16.34
CA PHE A 83 -11.23 27.20 -15.50
C PHE A 83 -10.89 25.97 -16.36
N ILE A 84 -11.11 26.08 -17.67
CA ILE A 84 -10.84 24.99 -18.60
C ILE A 84 -9.47 24.32 -18.39
N ARG A 85 -8.52 25.06 -17.82
CA ARG A 85 -7.19 24.51 -17.54
C ARG A 85 -7.39 23.31 -16.62
N ASP A 86 -7.83 23.59 -15.40
CA ASP A 86 -8.07 22.56 -14.39
C ASP A 86 -8.84 21.45 -15.01
N THR A 87 -9.88 21.81 -15.71
CA THR A 87 -10.71 20.84 -16.35
C THR A 87 -9.87 19.83 -17.12
N LEU A 88 -9.10 20.34 -18.06
CA LEU A 88 -8.28 19.47 -18.87
C LEU A 88 -7.28 18.76 -17.98
N MET A 89 -6.53 19.54 -17.21
CA MET A 89 -5.49 19.04 -16.31
C MET A 89 -5.97 17.81 -15.53
N ARG A 90 -7.21 17.87 -15.07
CA ARG A 90 -7.80 16.79 -14.33
C ARG A 90 -8.02 15.64 -15.30
N LEU A 91 -8.64 15.93 -16.42
CA LEU A 91 -8.93 14.90 -17.42
C LEU A 91 -7.68 14.12 -17.81
N VAL A 92 -6.62 14.85 -18.13
CA VAL A 92 -5.35 14.26 -18.48
C VAL A 92 -5.00 13.25 -17.39
N LEU A 93 -4.98 13.76 -16.16
CA LEU A 93 -4.67 12.98 -14.96
C LEU A 93 -5.44 11.67 -14.92
N THR A 94 -6.77 11.76 -14.93
CA THR A 94 -7.55 10.55 -14.85
C THR A 94 -7.30 9.57 -16.00
N VAL A 95 -7.61 10.00 -17.22
CA VAL A 95 -7.50 9.13 -18.40
C VAL A 95 -6.11 8.58 -18.62
N ARG A 96 -5.12 9.31 -18.15
CA ARG A 96 -3.74 8.89 -18.31
C ARG A 96 -3.47 7.75 -17.32
N SER A 97 -3.83 8.01 -16.07
CA SER A 97 -3.60 7.08 -14.98
C SER A 97 -4.22 5.69 -15.12
N ASN A 98 -5.34 5.60 -15.84
CA ASN A 98 -6.06 4.34 -16.05
C ASN A 98 -5.34 3.17 -16.69
N LEU A 99 -4.29 3.47 -17.45
CA LEU A 99 -3.58 2.39 -18.12
C LEU A 99 -2.75 1.59 -17.12
N ILE A 100 -2.29 2.29 -16.07
CA ILE A 100 -1.50 1.63 -15.05
C ILE A 100 -2.42 1.02 -14.01
N PRO A 101 -2.30 -0.27 -13.79
CA PRO A 101 -3.09 -1.06 -12.84
C PRO A 101 -2.75 -0.90 -11.37
N SER A 102 -3.81 -0.86 -10.55
CA SER A 102 -3.65 -0.76 -9.11
C SER A 102 -4.80 -1.44 -8.39
N PRO A 103 -4.47 -2.38 -7.50
CA PRO A 103 -3.14 -2.84 -7.10
C PRO A 103 -2.34 -3.34 -8.29
N PRO A 104 -1.04 -3.56 -8.09
CA PRO A 104 -0.11 -4.04 -9.10
C PRO A 104 -0.53 -5.43 -9.53
N THR A 105 -0.01 -5.90 -10.65
CA THR A 105 -0.39 -7.21 -11.07
C THR A 105 0.69 -8.28 -10.99
N TYR A 106 1.45 -8.48 -12.07
CA TYR A 106 2.47 -9.51 -12.13
C TYR A 106 3.87 -9.03 -11.89
N ASN A 107 4.78 -9.97 -11.71
CA ASN A 107 6.19 -9.65 -11.49
C ASN A 107 7.08 -10.64 -12.22
N ILE A 108 8.40 -10.40 -12.12
CA ILE A 108 9.37 -11.26 -12.79
C ILE A 108 9.12 -12.71 -12.43
N ALA A 109 8.63 -12.92 -11.20
CA ALA A 109 8.33 -14.22 -10.65
C ALA A 109 6.94 -14.78 -10.98
N HIS A 110 5.95 -13.94 -11.23
CA HIS A 110 4.62 -14.49 -11.49
C HIS A 110 3.86 -13.80 -12.59
N ASP A 111 3.49 -14.54 -13.61
CA ASP A 111 2.69 -13.94 -14.66
C ASP A 111 1.25 -14.27 -14.32
N TYR A 112 0.95 -13.98 -13.08
CA TYR A 112 -0.37 -14.17 -12.54
C TYR A 112 -0.45 -13.29 -11.35
N ILE A 113 -1.64 -13.07 -10.82
CA ILE A 113 -1.77 -12.27 -9.61
C ILE A 113 -1.53 -13.28 -8.50
N SER A 114 -0.75 -12.91 -7.50
CA SER A 114 -0.49 -13.82 -6.41
C SER A 114 -0.37 -12.90 -5.25
N TRP A 115 -0.73 -13.37 -4.06
CA TRP A 115 -0.60 -12.51 -2.90
C TRP A 115 0.87 -12.05 -2.84
N GLU A 116 1.80 -13.00 -3.00
CA GLU A 116 3.23 -12.67 -2.94
C GLU A 116 3.65 -11.56 -3.86
N SER A 117 3.07 -11.48 -5.05
CA SER A 117 3.42 -10.37 -5.94
C SER A 117 2.92 -9.03 -5.35
N PHE A 118 1.76 -9.06 -4.71
CA PHE A 118 1.17 -7.89 -4.12
C PHE A 118 1.86 -7.45 -2.85
N SER A 119 2.50 -8.40 -2.18
CA SER A 119 3.17 -8.13 -0.91
C SER A 119 4.65 -7.90 -0.95
N ASN A 120 5.38 -8.74 -1.69
CA ASN A 120 6.82 -8.62 -1.76
C ASN A 120 7.28 -7.42 -2.58
N VAL A 121 7.61 -6.31 -1.94
CA VAL A 121 7.98 -5.13 -2.72
C VAL A 121 9.40 -4.99 -3.20
N SER A 122 10.17 -6.06 -3.09
CA SER A 122 11.51 -5.99 -3.58
C SER A 122 11.43 -6.25 -5.07
N TYR A 123 10.26 -6.64 -5.55
CA TYR A 123 10.03 -6.89 -6.99
C TYR A 123 9.57 -5.65 -7.82
N TYR A 124 10.08 -5.51 -9.04
CA TYR A 124 9.61 -4.45 -9.92
C TYR A 124 8.45 -5.20 -10.56
N THR A 125 7.32 -4.53 -10.74
CA THR A 125 6.14 -5.13 -11.33
C THR A 125 6.25 -4.88 -12.81
N ARG A 126 5.32 -5.44 -13.56
CA ARG A 126 5.27 -5.27 -15.02
C ARG A 126 3.81 -5.12 -15.47
N ILE A 127 3.60 -4.49 -16.61
CA ILE A 127 2.25 -4.31 -17.15
C ILE A 127 1.85 -5.52 -17.97
N LEU A 128 2.82 -6.09 -18.68
CA LEU A 128 2.59 -7.25 -19.52
C LEU A 128 3.43 -8.46 -19.15
N PRO A 129 2.76 -9.57 -18.85
CA PRO A 129 3.36 -10.84 -18.48
C PRO A 129 4.42 -11.20 -19.50
N SER A 130 5.41 -11.96 -19.08
CA SER A 130 6.52 -12.36 -19.97
C SER A 130 6.12 -13.23 -21.15
N VAL A 131 6.97 -13.25 -22.18
CA VAL A 131 6.68 -14.09 -23.33
C VAL A 131 7.07 -15.45 -22.76
N PRO A 132 6.07 -16.33 -22.62
CA PRO A 132 6.22 -17.67 -22.08
C PRO A 132 7.44 -18.39 -22.58
N ARG A 133 8.21 -18.91 -21.62
CA ARG A 133 9.44 -19.64 -21.89
C ARG A 133 9.24 -20.90 -22.74
N ASP A 134 8.00 -21.23 -23.07
CA ASP A 134 7.73 -22.40 -23.88
C ASP A 134 7.28 -22.01 -25.29
N CYS A 135 7.41 -20.75 -25.64
CA CYS A 135 7.03 -20.33 -26.99
C CYS A 135 8.16 -20.75 -27.91
N PRO A 136 7.87 -20.86 -29.21
CA PRO A 136 8.83 -21.26 -30.25
C PRO A 136 9.94 -20.25 -30.57
N THR A 137 9.63 -18.98 -30.39
CA THR A 137 10.62 -17.93 -30.63
C THR A 137 10.74 -17.13 -29.36
N PRO A 138 11.84 -16.39 -29.20
CA PRO A 138 12.08 -15.57 -28.02
C PRO A 138 11.12 -14.37 -27.85
N MET A 139 10.19 -14.21 -28.76
CA MET A 139 9.23 -13.12 -28.69
C MET A 139 7.82 -13.70 -28.75
N GLY A 140 7.76 -15.01 -28.95
CA GLY A 140 6.48 -15.68 -28.99
C GLY A 140 6.30 -16.57 -30.20
N THR A 141 5.62 -16.01 -31.19
CA THR A 141 5.32 -16.72 -32.41
C THR A 141 6.08 -16.22 -33.61
N LYS A 142 6.49 -14.95 -33.62
CA LYS A 142 7.16 -14.44 -34.80
C LYS A 142 8.64 -14.13 -34.66
N GLY A 143 9.27 -13.66 -35.73
CA GLY A 143 10.68 -13.31 -35.67
C GLY A 143 11.65 -14.47 -35.82
N LYS A 144 12.94 -14.16 -35.72
CA LYS A 144 14.00 -15.15 -35.85
C LYS A 144 14.06 -15.95 -34.56
N LYS A 145 14.71 -17.10 -34.59
CA LYS A 145 14.81 -17.89 -33.36
C LYS A 145 15.87 -17.34 -32.44
N GLN A 146 16.63 -16.38 -32.94
CA GLN A 146 17.67 -15.72 -32.16
C GLN A 146 17.55 -14.22 -32.44
N LEU A 147 17.71 -13.41 -31.41
CA LEU A 147 17.59 -11.97 -31.56
C LEU A 147 18.91 -11.26 -31.87
N PRO A 148 18.84 -10.12 -32.56
CA PRO A 148 20.01 -9.30 -32.94
C PRO A 148 20.99 -9.15 -31.79
N ASP A 149 22.28 -9.31 -32.10
CA ASP A 149 23.31 -9.16 -31.08
C ASP A 149 23.34 -7.72 -30.57
N ALA A 150 22.78 -7.53 -29.38
CA ALA A 150 22.72 -6.22 -28.72
C ALA A 150 23.90 -5.28 -28.96
N GLU A 151 25.10 -5.79 -28.80
CA GLU A 151 26.33 -5.01 -29.01
C GLU A 151 26.22 -4.34 -30.37
N PHE A 152 25.94 -5.16 -31.37
CA PHE A 152 25.81 -4.76 -32.77
C PHE A 152 24.62 -3.82 -32.94
N LEU A 153 23.46 -4.31 -32.52
CA LEU A 153 22.22 -3.58 -32.61
C LEU A 153 22.46 -2.17 -32.06
N SER A 154 23.21 -2.09 -30.96
CA SER A 154 23.51 -0.81 -30.32
C SER A 154 24.51 0.02 -31.09
N ARG A 155 25.45 -0.66 -31.72
CA ARG A 155 26.48 0.03 -32.50
C ARG A 155 25.95 0.52 -33.84
N ARG A 156 25.03 -0.25 -34.43
CA ARG A 156 24.40 0.08 -35.73
C ARG A 156 23.30 1.15 -35.69
N PHE A 157 22.55 1.22 -34.59
CA PHE A 157 21.45 2.21 -34.49
C PHE A 157 21.36 3.14 -33.28
N LEU A 158 22.12 2.92 -32.21
CA LEU A 158 21.97 3.82 -31.08
C LEU A 158 23.21 4.64 -30.85
N LEU A 159 24.30 4.19 -31.46
CA LEU A 159 25.59 4.86 -31.32
C LEU A 159 25.67 6.20 -32.02
N ARG A 160 25.85 7.24 -31.23
CA ARG A 160 25.96 8.59 -31.77
C ARG A 160 27.12 8.75 -32.74
N ARG A 161 26.82 9.36 -33.89
CA ARG A 161 27.86 9.61 -34.87
C ARG A 161 28.17 11.11 -34.82
N LYS A 162 27.12 11.91 -34.87
CA LYS A 162 27.26 13.36 -34.82
C LYS A 162 26.20 13.75 -33.83
N PHE A 163 26.55 14.55 -32.84
CA PHE A 163 25.57 14.96 -31.85
C PHE A 163 24.35 15.67 -32.38
N ILE A 164 23.19 15.14 -32.09
CA ILE A 164 21.96 15.76 -32.52
C ILE A 164 21.39 16.39 -31.28
N PRO A 165 21.29 17.71 -31.24
CA PRO A 165 20.74 18.24 -30.01
C PRO A 165 19.22 18.19 -30.03
N ASP A 166 18.64 18.09 -28.82
CA ASP A 166 17.19 18.07 -28.66
C ASP A 166 16.67 19.43 -29.04
N PRO A 167 15.66 19.46 -29.90
CA PRO A 167 15.00 20.64 -30.42
C PRO A 167 14.20 21.38 -29.37
N GLN A 168 13.65 20.69 -28.38
CA GLN A 168 12.89 21.41 -27.38
C GLN A 168 13.73 22.42 -26.59
N GLY A 169 15.05 22.25 -26.62
CA GLY A 169 15.93 23.17 -25.92
C GLY A 169 16.23 22.70 -24.52
N THR A 170 16.05 21.41 -24.34
CA THR A 170 16.31 20.78 -23.06
C THR A 170 17.84 20.87 -22.85
N ASN A 171 18.25 21.38 -21.70
CA ASN A 171 19.65 21.53 -21.43
C ASN A 171 20.13 20.48 -20.48
N LEU A 172 21.33 20.66 -19.95
CA LEU A 172 21.87 19.69 -19.03
C LEU A 172 21.20 19.74 -17.66
N MET A 173 20.80 20.92 -17.20
CA MET A 173 20.14 21.04 -15.90
C MET A 173 19.00 20.01 -15.82
N PHE A 174 18.22 19.90 -16.90
CA PHE A 174 17.12 18.94 -17.00
C PHE A 174 17.70 17.53 -17.06
N ALA A 175 18.68 17.28 -17.92
CA ALA A 175 19.26 15.95 -18.02
C ALA A 175 19.67 15.42 -16.65
N PHE A 176 20.42 16.22 -15.91
CA PHE A 176 20.82 15.80 -14.59
C PHE A 176 19.64 15.69 -13.66
N PHE A 177 18.73 16.64 -13.67
CA PHE A 177 17.56 16.53 -12.81
C PHE A 177 16.91 15.16 -13.05
N ALA A 178 16.48 14.91 -14.28
CA ALA A 178 15.85 13.65 -14.68
C ALA A 178 16.62 12.46 -14.20
N GLN A 179 17.94 12.52 -14.27
CA GLN A 179 18.78 11.42 -13.83
C GLN A 179 18.63 11.22 -12.34
N HIS A 180 19.07 12.21 -11.59
CA HIS A 180 19.04 12.25 -10.15
C HIS A 180 17.68 11.86 -9.61
N PHE A 181 16.64 12.41 -10.23
CA PHE A 181 15.26 12.18 -9.81
C PHE A 181 14.81 10.77 -10.00
N THR A 182 15.05 10.24 -11.18
CA THR A 182 14.63 8.91 -11.47
C THR A 182 15.50 7.91 -10.71
N HIS A 183 16.61 8.37 -10.13
CA HIS A 183 17.41 7.43 -9.37
C HIS A 183 16.99 7.25 -7.95
N GLN A 184 15.73 7.57 -7.68
CA GLN A 184 15.17 7.38 -6.36
C GLN A 184 14.14 6.27 -6.43
N PHE A 185 13.77 5.85 -7.65
CA PHE A 185 12.83 4.74 -7.77
C PHE A 185 13.27 3.64 -8.72
N PHE A 186 14.30 3.94 -9.50
CA PHE A 186 14.92 2.99 -10.39
C PHE A 186 16.21 2.79 -9.59
N LYS A 187 16.39 1.59 -9.03
CA LYS A 187 17.54 1.26 -8.19
C LYS A 187 17.57 -0.28 -8.11
N THR A 188 17.74 -0.88 -9.28
CA THR A 188 17.81 -2.31 -9.42
C THR A 188 18.83 -2.97 -8.51
N SER A 189 18.41 -4.03 -7.84
CA SER A 189 19.24 -4.81 -6.90
C SER A 189 20.34 -5.58 -7.60
N GLY A 190 21.57 -5.29 -7.22
CA GLY A 190 22.71 -5.95 -7.84
C GLY A 190 22.71 -7.41 -7.52
N LYS A 191 22.77 -7.72 -6.23
CA LYS A 191 22.80 -9.09 -5.75
C LYS A 191 21.50 -9.86 -5.94
N MET A 192 20.41 -9.17 -6.23
CA MET A 192 19.16 -9.90 -6.39
C MET A 192 18.77 -10.27 -7.82
N GLY A 193 19.44 -9.67 -8.79
CA GLY A 193 19.13 -9.98 -10.17
C GLY A 193 18.25 -8.89 -10.73
N PRO A 194 18.01 -8.92 -12.04
CA PRO A 194 17.17 -7.89 -12.66
C PRO A 194 15.75 -8.14 -12.18
N GLY A 195 14.94 -7.08 -12.18
CA GLY A 195 13.57 -7.27 -11.75
C GLY A 195 13.37 -7.16 -10.25
N PHE A 196 14.46 -6.86 -9.55
CA PHE A 196 14.46 -6.67 -8.11
C PHE A 196 14.98 -5.27 -7.89
N THR A 197 14.41 -4.54 -6.94
CA THR A 197 14.82 -3.17 -6.67
C THR A 197 15.10 -2.96 -5.20
N LYS A 198 16.03 -2.07 -4.93
CA LYS A 198 16.42 -1.76 -3.57
C LYS A 198 15.57 -0.63 -3.02
N ALA A 199 14.96 0.13 -3.92
CA ALA A 199 14.14 1.28 -3.53
C ALA A 199 12.75 0.79 -3.24
N LEU A 200 12.51 0.41 -1.98
CA LEU A 200 11.22 -0.12 -1.62
C LEU A 200 10.07 0.87 -1.52
N GLY A 201 10.38 2.12 -1.87
CA GLY A 201 9.38 3.19 -1.82
C GLY A 201 8.51 3.19 -3.05
N HIS A 202 9.08 2.78 -4.17
CA HIS A 202 8.36 2.70 -5.44
C HIS A 202 7.79 4.01 -5.89
N GLY A 203 8.40 5.11 -5.48
CA GLY A 203 7.85 6.39 -5.88
C GLY A 203 8.65 7.58 -5.39
N VAL A 204 7.99 8.71 -5.15
CA VAL A 204 8.76 9.84 -4.70
C VAL A 204 8.82 9.92 -3.18
N ASP A 205 9.69 9.14 -2.56
CA ASP A 205 9.84 9.17 -1.12
C ASP A 205 11.05 10.00 -0.76
N LEU A 206 11.66 10.58 -1.77
CA LEU A 206 12.85 11.38 -1.61
C LEU A 206 13.96 10.60 -0.93
N GLY A 207 13.88 9.29 -1.13
CA GLY A 207 14.85 8.40 -0.54
C GLY A 207 16.29 8.54 -1.00
N HIS A 208 16.52 9.27 -2.08
CA HIS A 208 17.90 9.44 -2.52
C HIS A 208 18.57 10.55 -1.72
N ILE A 209 17.78 11.22 -0.88
CA ILE A 209 18.28 12.31 -0.05
C ILE A 209 18.41 11.84 1.37
N TYR A 210 17.40 11.14 1.85
CA TYR A 210 17.37 10.65 3.21
C TYR A 210 17.85 9.25 3.44
N GLY A 211 18.14 8.52 2.37
CA GLY A 211 18.59 7.14 2.49
C GLY A 211 17.47 6.16 2.23
N ASP A 212 17.79 5.03 1.60
CA ASP A 212 16.78 4.00 1.28
C ASP A 212 16.43 3.04 2.40
N ASN A 213 17.02 3.29 3.57
CA ASN A 213 16.75 2.48 4.75
C ASN A 213 17.02 3.29 6.00
N LEU A 214 16.21 3.02 7.00
CA LEU A 214 16.27 3.74 8.24
C LEU A 214 17.62 3.98 8.85
N GLU A 215 18.47 2.97 8.87
CA GLU A 215 19.78 3.11 9.47
C GLU A 215 20.52 4.24 8.77
N ARG A 216 20.57 4.13 7.44
CA ARG A 216 21.24 5.08 6.56
C ARG A 216 20.70 6.49 6.75
N GLN A 217 19.41 6.62 7.07
CA GLN A 217 18.85 7.93 7.30
C GLN A 217 19.48 8.49 8.54
N TYR A 218 19.36 7.73 9.63
CA TYR A 218 19.90 8.13 10.90
C TYR A 218 21.35 8.53 10.78
N GLN A 219 22.04 7.94 9.82
CA GLN A 219 23.45 8.27 9.58
C GLN A 219 23.60 9.69 9.03
N LEU A 220 22.80 10.02 8.03
CA LEU A 220 22.87 11.32 7.40
C LEU A 220 22.22 12.40 8.24
N ARG A 221 21.53 11.97 9.29
CA ARG A 221 20.85 12.91 10.17
C ARG A 221 21.72 13.59 11.19
N LEU A 222 21.43 14.86 11.43
CA LEU A 222 22.19 15.64 12.39
C LEU A 222 21.60 15.49 13.79
N PHE A 223 20.28 15.31 13.85
CA PHE A 223 19.55 15.18 15.12
C PHE A 223 19.59 16.45 15.96
N LYS A 224 19.38 17.58 15.26
CA LYS A 224 19.38 18.91 15.89
C LYS A 224 18.51 19.75 14.96
N ASP A 225 17.43 20.34 15.47
CA ASP A 225 16.54 21.16 14.65
C ASP A 225 15.98 20.48 13.40
N GLY A 226 16.10 19.16 13.36
CA GLY A 226 15.61 18.38 12.24
C GLY A 226 16.49 18.44 11.02
N LYS A 227 17.72 18.89 11.23
CA LYS A 227 18.65 19.00 10.12
C LYS A 227 19.40 17.76 9.69
N LEU A 228 19.95 17.85 8.49
CA LEU A 228 20.72 16.80 7.87
C LEU A 228 22.17 17.27 8.08
N LYS A 229 23.06 16.33 8.41
CA LYS A 229 24.46 16.65 8.64
C LYS A 229 24.99 17.28 7.37
N TYR A 230 26.00 18.12 7.51
CA TYR A 230 26.59 18.75 6.34
C TYR A 230 27.98 19.19 6.75
N GLN A 231 28.68 19.88 5.84
CA GLN A 231 30.03 20.39 6.11
C GLN A 231 30.22 21.69 5.37
N MET A 232 31.20 22.46 5.81
CA MET A 232 31.50 23.74 5.20
C MET A 232 32.83 23.65 4.46
N LEU A 233 32.83 24.15 3.23
CA LEU A 233 33.99 24.19 2.37
C LEU A 233 33.86 25.56 1.75
N ASN A 234 34.92 26.36 1.81
CA ASN A 234 34.88 27.70 1.24
C ASN A 234 33.68 28.42 1.83
N GLY A 235 33.41 28.14 3.10
CA GLY A 235 32.29 28.75 3.78
C GLY A 235 30.96 28.51 3.07
N GLU A 236 30.83 27.37 2.43
CA GLU A 236 29.62 27.00 1.73
C GLU A 236 29.25 25.60 2.17
N VAL A 237 27.96 25.30 2.16
CA VAL A 237 27.44 24.01 2.61
C VAL A 237 27.43 22.89 1.58
N TYR A 238 28.02 21.76 1.92
CA TYR A 238 28.04 20.61 1.04
C TYR A 238 27.67 19.42 1.89
N PRO A 239 27.42 18.27 1.28
CA PRO A 239 27.07 17.13 2.13
C PRO A 239 28.24 16.85 3.08
N PRO A 240 28.06 15.97 4.05
CA PRO A 240 29.14 15.65 4.98
C PRO A 240 30.11 14.68 4.33
N SER A 241 31.21 14.40 5.03
CA SER A 241 32.20 13.45 4.53
C SER A 241 31.84 12.06 4.99
N VAL A 242 32.19 11.06 4.22
CA VAL A 242 31.91 9.68 4.58
C VAL A 242 32.53 9.42 5.95
N GLU A 243 33.53 10.21 6.28
CA GLU A 243 34.18 10.08 7.56
C GLU A 243 33.19 10.53 8.62
N GLU A 244 32.67 11.73 8.45
CA GLU A 244 31.71 12.36 9.35
C GLU A 244 30.46 11.51 9.53
N ALA A 245 29.81 11.21 8.41
CA ALA A 245 28.59 10.42 8.36
C ALA A 245 28.92 9.13 7.59
N PRO A 246 29.40 8.10 8.29
CA PRO A 246 29.81 6.77 7.81
C PRO A 246 28.70 5.93 7.21
N VAL A 247 28.37 6.29 5.99
CA VAL A 247 27.33 5.65 5.24
C VAL A 247 28.06 4.94 4.07
N LEU A 248 27.41 4.01 3.37
CA LEU A 248 28.08 3.33 2.26
C LEU A 248 27.92 4.11 0.95
N MET A 249 29.05 4.35 0.27
CA MET A 249 29.04 5.08 -0.99
C MET A 249 29.82 4.29 -2.04
N HIS A 250 29.69 4.69 -3.30
CA HIS A 250 30.42 4.02 -4.36
C HIS A 250 31.40 4.99 -5.02
N TYR A 251 32.66 4.87 -4.61
CA TYR A 251 33.76 5.70 -5.13
C TYR A 251 34.86 4.73 -5.51
N PRO A 252 35.48 4.91 -6.68
CA PRO A 252 36.56 4.01 -7.10
C PRO A 252 37.56 3.86 -5.95
N ARG A 253 38.05 2.63 -5.77
CA ARG A 253 38.98 2.34 -4.68
C ARG A 253 40.20 3.21 -4.79
N GLY A 254 40.54 3.87 -3.69
CA GLY A 254 41.68 4.75 -3.71
C GLY A 254 41.23 6.14 -3.32
N ILE A 255 39.93 6.38 -3.40
CA ILE A 255 39.39 7.66 -2.99
C ILE A 255 39.12 7.42 -1.50
N PRO A 256 39.64 8.31 -0.64
CA PRO A 256 39.47 8.24 0.81
C PRO A 256 38.17 8.80 1.34
N PRO A 257 37.72 8.28 2.49
CA PRO A 257 36.48 8.69 3.15
C PRO A 257 36.44 10.18 3.25
N GLN A 258 37.52 10.76 3.75
CA GLN A 258 37.65 12.19 3.92
C GLN A 258 37.41 12.94 2.64
N SER A 259 37.50 12.24 1.52
CA SER A 259 37.28 12.89 0.25
C SER A 259 36.01 12.44 -0.46
N GLN A 260 35.16 11.73 0.26
CA GLN A 260 33.90 11.25 -0.28
C GLN A 260 32.70 11.89 0.43
N MET A 261 31.67 12.24 -0.33
CA MET A 261 30.49 12.86 0.26
C MET A 261 29.42 11.81 0.52
N ALA A 262 28.93 11.79 1.75
CA ALA A 262 27.90 10.84 2.15
C ALA A 262 26.58 11.45 1.73
N VAL A 263 25.72 10.70 1.05
CA VAL A 263 24.50 11.36 0.60
C VAL A 263 23.12 10.71 0.63
N GLY A 264 23.00 9.40 0.48
CA GLY A 264 21.66 8.85 0.51
C GLY A 264 21.48 7.92 -0.67
N GLN A 265 22.03 8.34 -1.82
CA GLN A 265 22.01 7.55 -3.06
C GLN A 265 23.47 7.18 -3.40
N GLU A 266 23.95 6.10 -2.79
CA GLU A 266 25.33 5.61 -2.96
C GLU A 266 26.03 5.97 -4.27
N VAL A 267 25.33 5.72 -5.37
CA VAL A 267 25.85 5.96 -6.71
C VAL A 267 26.09 7.42 -7.05
N PHE A 268 25.19 8.30 -6.63
CA PHE A 268 25.32 9.73 -6.91
C PHE A 268 26.70 10.29 -6.71
N GLY A 269 27.53 9.55 -5.97
CA GLY A 269 28.88 10.00 -5.72
C GLY A 269 29.76 10.22 -6.94
N LEU A 270 29.35 9.77 -8.12
CA LEU A 270 30.22 9.90 -9.28
C LEU A 270 29.68 10.61 -10.49
N LEU A 271 29.63 11.92 -10.37
CA LEU A 271 29.14 12.79 -11.41
C LEU A 271 28.71 14.08 -10.74
N PRO A 272 29.54 15.10 -10.80
CA PRO A 272 29.24 16.39 -10.20
C PRO A 272 27.78 16.82 -10.48
N GLY A 273 27.25 16.42 -11.63
CA GLY A 273 25.87 16.74 -11.93
C GLY A 273 24.97 16.26 -10.81
N LEU A 274 25.05 14.97 -10.46
CA LEU A 274 24.26 14.40 -9.38
C LEU A 274 24.54 15.10 -8.07
N MET A 275 25.78 15.05 -7.62
CA MET A 275 26.13 15.68 -6.36
C MET A 275 25.70 17.16 -6.32
N LEU A 276 25.63 17.83 -7.47
CA LEU A 276 25.22 19.24 -7.54
C LEU A 276 23.82 19.34 -6.99
N TYR A 277 22.91 18.58 -7.58
CA TYR A 277 21.54 18.62 -7.14
C TYR A 277 21.42 18.13 -5.71
N ALA A 278 22.17 17.08 -5.39
CA ALA A 278 22.12 16.51 -4.03
C ALA A 278 22.47 17.57 -2.99
N THR A 279 23.35 18.48 -3.36
CA THR A 279 23.72 19.57 -2.47
C THR A 279 22.56 20.58 -2.36
N ILE A 280 21.94 20.95 -3.49
CA ILE A 280 20.83 21.89 -3.47
C ILE A 280 19.73 21.35 -2.55
N TRP A 281 19.24 20.15 -2.83
CA TRP A 281 18.20 19.57 -1.99
C TRP A 281 18.58 19.42 -0.55
N LEU A 282 19.85 19.19 -0.22
CA LEU A 282 20.23 19.07 1.19
C LEU A 282 20.05 20.44 1.77
N ARG A 283 20.66 21.41 1.11
CA ARG A 283 20.60 22.79 1.54
C ARG A 283 19.15 23.17 1.82
N GLU A 284 18.26 22.78 0.91
CA GLU A 284 16.84 23.05 1.05
C GLU A 284 16.26 22.45 2.32
N HIS A 285 16.35 21.14 2.49
CA HIS A 285 15.83 20.49 3.69
C HIS A 285 16.30 21.20 4.95
N ASN A 286 17.56 21.63 4.98
CA ASN A 286 18.01 22.29 6.17
C ASN A 286 17.31 23.63 6.36
N ARG A 287 17.14 24.37 5.28
CA ARG A 287 16.48 25.68 5.35
C ARG A 287 15.04 25.57 5.84
N VAL A 288 14.31 24.59 5.32
CA VAL A 288 12.93 24.41 5.70
C VAL A 288 12.91 24.12 7.19
N CYS A 289 13.84 23.31 7.69
CA CYS A 289 13.86 23.04 9.12
C CYS A 289 13.87 24.32 9.92
N ASP A 290 14.71 25.26 9.53
CA ASP A 290 14.78 26.53 10.24
C ASP A 290 13.43 27.25 10.28
N LEU A 291 12.68 27.18 9.18
CA LEU A 291 11.37 27.81 9.12
C LEU A 291 10.46 27.16 10.13
N LEU A 292 10.37 25.85 10.02
CA LEU A 292 9.53 25.09 10.90
C LEU A 292 9.82 25.42 12.36
N LYS A 293 11.11 25.49 12.69
CA LYS A 293 11.52 25.79 14.05
C LYS A 293 10.99 27.16 14.53
N ALA A 294 10.91 28.12 13.63
CA ALA A 294 10.39 29.41 14.01
C ALA A 294 8.98 29.23 14.52
N GLU A 295 8.12 28.70 13.65
CA GLU A 295 6.72 28.47 13.99
C GLU A 295 6.61 27.52 15.15
N HIS A 296 7.36 26.44 15.13
CA HIS A 296 7.18 25.49 16.19
C HIS A 296 8.38 25.37 17.10
N PRO A 297 8.53 26.34 18.00
CA PRO A 297 9.65 26.35 18.95
C PRO A 297 9.58 25.10 19.81
N THR A 298 8.35 24.69 20.06
CA THR A 298 8.01 23.54 20.87
C THR A 298 8.29 22.21 20.21
N TRP A 299 8.73 22.25 18.95
CA TRP A 299 8.97 21.04 18.19
C TRP A 299 10.26 20.32 18.46
N GLY A 300 10.20 19.02 18.21
CA GLY A 300 11.36 18.16 18.42
C GLY A 300 12.02 17.83 17.10
N ASP A 301 13.20 17.18 17.20
CA ASP A 301 13.96 16.80 16.02
C ASP A 301 13.06 16.10 15.03
N GLU A 302 12.75 14.84 15.30
CA GLU A 302 11.89 14.06 14.41
C GLU A 302 10.71 14.87 13.84
N GLN A 303 9.87 15.44 14.69
CA GLN A 303 8.74 16.24 14.26
C GLN A 303 9.22 17.20 13.16
N LEU A 304 10.33 17.87 13.40
CA LEU A 304 10.87 18.80 12.43
C LEU A 304 11.33 18.04 11.18
N PHE A 305 12.23 17.08 11.36
CA PHE A 305 12.75 16.25 10.26
C PHE A 305 11.62 15.72 9.39
N GLN A 306 10.82 14.85 9.98
CA GLN A 306 9.67 14.25 9.32
C GLN A 306 8.84 15.28 8.55
N THR A 307 8.55 16.41 9.19
CA THR A 307 7.76 17.43 8.55
C THR A 307 8.48 18.04 7.35
N ALA A 308 9.79 18.26 7.49
CA ALA A 308 10.57 18.83 6.40
C ALA A 308 10.50 17.90 5.17
N ARG A 309 10.71 16.61 5.40
CA ARG A 309 10.66 15.64 4.33
C ARG A 309 9.32 15.66 3.61
N LEU A 310 8.25 15.85 4.35
CA LEU A 310 6.92 15.92 3.74
C LEU A 310 6.85 17.13 2.82
N ILE A 311 7.41 18.24 3.25
CA ILE A 311 7.38 19.46 2.45
C ILE A 311 8.19 19.31 1.17
N LEU A 312 9.41 18.79 1.28
CA LEU A 312 10.24 18.59 0.09
C LEU A 312 9.57 17.66 -0.91
N ILE A 313 8.97 16.59 -0.42
CA ILE A 313 8.28 15.68 -1.32
C ILE A 313 7.28 16.55 -2.08
N GLY A 314 6.64 17.48 -1.38
CA GLY A 314 5.70 18.38 -2.02
C GLY A 314 6.39 19.21 -3.08
N GLU A 315 7.51 19.85 -2.71
CA GLU A 315 8.26 20.67 -3.65
C GLU A 315 8.61 19.85 -4.87
N THR A 316 9.28 18.74 -4.64
CA THR A 316 9.66 17.85 -5.71
C THR A 316 8.52 17.52 -6.70
N ILE A 317 7.35 17.12 -6.21
CA ILE A 317 6.24 16.80 -7.12
C ILE A 317 5.76 18.00 -7.89
N LYS A 318 5.88 19.20 -7.33
CA LYS A 318 5.44 20.39 -8.04
C LYS A 318 6.39 20.73 -9.17
N ILE A 319 7.66 20.85 -8.84
CA ILE A 319 8.68 21.15 -9.83
C ILE A 319 8.61 20.08 -10.90
N VAL A 320 8.45 18.83 -10.51
CA VAL A 320 8.38 17.80 -11.52
C VAL A 320 7.24 17.96 -12.55
N ILE A 321 6.04 18.32 -12.09
CA ILE A 321 4.88 18.47 -12.99
C ILE A 321 4.81 19.76 -13.76
N GLU A 322 4.84 20.86 -13.04
CA GLU A 322 4.70 22.15 -13.66
C GLU A 322 5.91 22.71 -14.44
N GLU A 323 7.12 22.33 -14.05
CA GLU A 323 8.29 22.81 -14.77
C GLU A 323 8.88 21.68 -15.64
N TYR A 324 9.27 20.59 -15.00
CA TYR A 324 9.86 19.46 -15.69
C TYR A 324 8.97 18.88 -16.80
N VAL A 325 7.88 18.23 -16.41
CA VAL A 325 6.98 17.62 -17.40
C VAL A 325 6.50 18.62 -18.45
N GLN A 326 6.37 19.87 -18.04
CA GLN A 326 5.95 20.91 -18.96
C GLN A 326 6.95 20.95 -20.12
N GLN A 327 8.21 21.23 -19.77
CA GLN A 327 9.33 21.30 -20.72
C GLN A 327 9.40 20.09 -21.64
N LEU A 328 9.48 18.95 -20.99
CA LEU A 328 9.57 17.69 -21.67
C LEU A 328 8.39 17.49 -22.62
N SER A 329 7.21 18.03 -22.29
CA SER A 329 6.05 17.80 -23.16
C SER A 329 5.87 18.85 -24.26
N GLY A 330 6.34 20.06 -23.99
CA GLY A 330 6.21 21.15 -24.95
C GLY A 330 4.77 21.57 -25.14
N TYR A 331 3.90 21.11 -24.25
CA TYR A 331 2.50 21.46 -24.33
C TYR A 331 2.33 22.95 -24.08
N PHE A 332 1.25 23.51 -24.62
CA PHE A 332 0.92 24.91 -24.46
C PHE A 332 -0.06 25.07 -23.32
N LEU A 333 -0.69 23.97 -22.97
CA LEU A 333 -1.60 23.93 -21.85
C LEU A 333 -0.64 23.99 -20.68
N GLN A 334 -0.95 24.78 -19.68
CA GLN A 334 -0.07 24.89 -18.53
C GLN A 334 -0.44 23.80 -17.52
N LEU A 335 0.39 22.77 -17.41
CA LEU A 335 0.12 21.68 -16.48
C LEU A 335 0.02 22.25 -15.07
N LYS A 336 -0.73 21.59 -14.21
CA LYS A 336 -0.92 22.07 -12.86
C LYS A 336 -0.92 20.97 -11.81
N PHE A 337 -0.29 21.24 -10.67
CA PHE A 337 -0.23 20.28 -9.58
C PHE A 337 -1.24 20.71 -8.55
N ASP A 338 -2.35 19.98 -8.49
CA ASP A 338 -3.39 20.31 -7.53
C ASP A 338 -4.06 19.01 -7.22
N PRO A 339 -3.58 18.30 -6.19
CA PRO A 339 -4.17 17.02 -5.83
C PRO A 339 -5.67 17.01 -5.58
N GLU A 340 -6.31 18.18 -5.58
CA GLU A 340 -7.73 18.25 -5.38
C GLU A 340 -8.48 17.95 -6.67
N LEU A 341 -7.82 18.10 -7.82
CA LEU A 341 -8.49 17.83 -9.11
C LEU A 341 -8.87 16.36 -9.15
N LEU A 342 -8.31 15.60 -8.22
CA LEU A 342 -8.58 14.19 -8.14
C LEU A 342 -9.54 13.80 -7.03
N PHE A 343 -9.83 14.71 -6.09
CA PHE A 343 -10.71 14.36 -4.98
C PHE A 343 -12.07 13.87 -5.44
N GLY A 344 -12.39 14.06 -6.70
CA GLY A 344 -13.66 13.55 -7.20
C GLY A 344 -13.56 12.17 -7.85
N ALA A 345 -12.40 11.88 -8.43
CA ALA A 345 -12.17 10.62 -9.13
C ALA A 345 -12.02 9.45 -8.22
N GLN A 346 -12.02 8.27 -8.83
CA GLN A 346 -11.78 7.05 -8.10
C GLN A 346 -10.32 6.80 -8.49
N PHE A 347 -9.40 7.23 -7.63
CA PHE A 347 -7.97 7.10 -7.85
C PHE A 347 -7.48 6.31 -6.66
N GLN A 348 -6.40 5.57 -6.80
CA GLN A 348 -5.85 4.82 -5.69
C GLN A 348 -4.53 5.47 -5.37
N TYR A 349 -4.38 5.98 -4.16
CA TYR A 349 -3.15 6.65 -3.82
C TYR A 349 -2.04 5.67 -3.42
N ARG A 350 -1.56 4.91 -4.38
CA ARG A 350 -0.51 3.91 -4.17
C ARG A 350 0.17 3.79 -5.54
N ASN A 351 1.49 3.46 -5.57
CA ASN A 351 2.28 3.29 -6.80
C ASN A 351 3.36 2.23 -6.68
N ARG A 352 3.57 1.42 -7.73
CA ARG A 352 4.64 0.38 -7.73
C ARG A 352 5.42 0.40 -9.06
N ILE A 353 6.74 0.59 -8.98
CA ILE A 353 7.61 0.70 -10.15
C ILE A 353 7.67 -0.45 -11.14
N ALA A 354 7.28 -0.13 -12.36
CA ALA A 354 7.24 -1.08 -13.45
C ALA A 354 8.59 -1.29 -14.13
N MET A 355 8.97 -2.55 -14.34
CA MET A 355 10.24 -2.84 -15.00
C MET A 355 10.24 -2.17 -16.36
N GLU A 356 9.09 -2.13 -17.03
CA GLU A 356 8.97 -1.50 -18.35
C GLU A 356 9.24 -0.02 -18.27
N PHE A 357 8.76 0.59 -17.21
CA PHE A 357 8.93 2.01 -16.99
C PHE A 357 10.38 2.35 -16.70
N ASN A 358 11.13 1.37 -16.21
CA ASN A 358 12.53 1.58 -15.95
C ASN A 358 13.30 1.62 -17.27
N GLN A 359 13.04 0.64 -18.15
CA GLN A 359 13.66 0.57 -19.47
C GLN A 359 13.44 1.92 -20.13
N LEU A 360 12.18 2.22 -20.37
CA LEU A 360 11.71 3.47 -20.98
C LEU A 360 12.43 4.72 -20.51
N TYR A 361 12.78 4.77 -19.23
CA TYR A 361 13.47 5.94 -18.71
C TYR A 361 14.97 5.92 -18.89
N HIS A 362 15.47 5.10 -19.81
CA HIS A 362 16.92 5.07 -20.07
C HIS A 362 17.24 6.07 -21.20
N TRP A 363 17.10 7.35 -20.85
CA TRP A 363 17.32 8.51 -21.72
C TRP A 363 18.79 8.97 -21.82
N HIS A 364 19.69 8.01 -21.92
CA HIS A 364 21.12 8.29 -22.01
C HIS A 364 21.51 9.22 -23.16
N PRO A 365 20.71 9.22 -24.24
CA PRO A 365 21.05 10.13 -25.33
C PRO A 365 21.04 11.61 -24.96
N LEU A 366 20.55 11.97 -23.77
CA LEU A 366 20.54 13.37 -23.37
C LEU A 366 21.98 13.84 -23.20
N MET A 367 22.80 12.98 -22.59
CA MET A 367 24.21 13.27 -22.31
C MET A 367 24.98 13.74 -23.52
N PRO A 368 25.63 14.92 -23.41
CA PRO A 368 26.44 15.63 -24.41
C PRO A 368 27.75 14.94 -24.80
N ASP A 369 28.49 15.57 -25.69
CA ASP A 369 29.75 15.01 -26.13
C ASP A 369 30.88 15.37 -25.18
N SER A 370 30.77 16.55 -24.58
CA SER A 370 31.75 17.09 -23.66
C SER A 370 31.03 18.06 -22.74
N PHE A 371 31.48 18.17 -21.50
CA PHE A 371 30.82 19.05 -20.55
C PHE A 371 31.49 20.41 -20.43
N ARG A 372 30.86 21.42 -21.02
CA ARG A 372 31.42 22.77 -20.99
C ARG A 372 30.99 23.58 -19.77
N VAL A 373 31.99 23.88 -18.92
CA VAL A 373 31.80 24.67 -17.72
C VAL A 373 32.46 26.01 -18.00
N GLY A 374 31.81 26.79 -18.85
CA GLY A 374 32.31 28.11 -19.22
C GLY A 374 33.32 28.02 -20.35
N PRO A 375 34.50 28.64 -20.19
CA PRO A 375 35.54 28.60 -21.22
C PRO A 375 36.11 27.19 -21.24
N GLN A 376 35.98 26.53 -20.08
CA GLN A 376 36.45 25.19 -19.86
C GLN A 376 35.55 24.16 -20.49
N ASP A 377 36.13 23.22 -21.21
CA ASP A 377 35.30 22.20 -21.80
C ASP A 377 35.88 20.89 -21.31
N TYR A 378 35.18 20.23 -20.37
CA TYR A 378 35.66 18.97 -19.82
C TYR A 378 35.19 17.74 -20.56
N SER A 379 35.99 16.69 -20.46
CA SER A 379 35.72 15.42 -21.10
C SER A 379 35.02 14.49 -20.14
N TYR A 380 34.49 13.37 -20.64
CA TYR A 380 33.87 12.41 -19.74
C TYR A 380 34.96 11.98 -18.79
N GLU A 381 36.17 11.90 -19.32
CA GLU A 381 37.32 11.50 -18.54
C GLU A 381 37.65 12.50 -17.43
N GLN A 382 37.11 13.70 -17.51
CA GLN A 382 37.38 14.66 -16.47
C GLN A 382 36.14 14.88 -15.63
N PHE A 383 34.99 14.45 -16.16
CA PHE A 383 33.72 14.60 -15.46
C PHE A 383 33.43 13.39 -14.59
N LEU A 384 33.34 12.22 -15.21
CA LEU A 384 32.96 10.99 -14.55
C LEU A 384 33.29 10.64 -13.11
N PHE A 385 34.36 11.15 -12.51
CA PHE A 385 34.55 10.83 -11.09
C PHE A 385 35.17 11.96 -10.29
N ASN A 386 35.32 13.10 -10.98
CA ASN A 386 35.92 14.31 -10.44
C ASN A 386 35.36 14.72 -9.08
N THR A 387 36.05 14.32 -8.02
CA THR A 387 35.61 14.64 -6.67
C THR A 387 35.83 16.09 -6.25
N SER A 388 36.14 16.98 -7.19
CA SER A 388 36.37 18.36 -6.82
C SER A 388 35.62 19.42 -7.62
N MET A 389 35.22 19.10 -8.86
CA MET A 389 34.53 20.06 -9.72
C MET A 389 33.43 20.88 -9.03
N LEU A 390 32.64 20.20 -8.18
CA LEU A 390 31.55 20.85 -7.47
C LEU A 390 32.05 21.89 -6.51
N VAL A 391 32.88 21.46 -5.56
CA VAL A 391 33.43 22.34 -4.55
C VAL A 391 34.24 23.45 -5.21
N ASP A 392 34.99 23.06 -6.23
CA ASP A 392 35.83 23.95 -6.99
C ASP A 392 35.02 25.09 -7.56
N TYR A 393 34.09 24.74 -8.43
CA TYR A 393 33.25 25.70 -9.10
C TYR A 393 32.18 26.37 -8.24
N GLY A 394 31.42 25.55 -7.53
CA GLY A 394 30.37 26.06 -6.69
C GLY A 394 29.04 25.81 -7.35
N VAL A 395 28.01 25.66 -6.52
CA VAL A 395 26.65 25.41 -7.00
C VAL A 395 26.22 26.34 -8.10
N GLU A 396 26.13 27.63 -7.78
CA GLU A 396 25.71 28.66 -8.73
C GLU A 396 26.38 28.49 -10.09
N ALA A 397 27.71 28.38 -10.09
CA ALA A 397 28.49 28.24 -11.32
C ALA A 397 28.03 27.06 -12.20
N LEU A 398 28.12 25.88 -11.64
CA LEU A 398 27.75 24.69 -12.36
C LEU A 398 26.30 24.74 -12.82
N VAL A 399 25.46 25.34 -12.00
CA VAL A 399 24.06 25.43 -12.34
C VAL A 399 23.94 26.21 -13.63
N ASP A 400 24.55 27.39 -13.66
CA ASP A 400 24.50 28.26 -14.83
C ASP A 400 24.96 27.52 -16.07
N ALA A 401 26.07 26.79 -15.93
CA ALA A 401 26.64 26.01 -17.03
C ALA A 401 25.65 25.00 -17.58
N PHE A 402 25.22 24.09 -16.70
CA PHE A 402 24.29 23.04 -17.09
C PHE A 402 22.99 23.63 -17.68
N SER A 403 22.62 24.81 -17.19
CA SER A 403 21.43 25.48 -17.65
C SER A 403 21.60 26.03 -19.05
N ARG A 404 22.84 26.19 -19.46
CA ARG A 404 23.09 26.72 -20.79
C ARG A 404 23.40 25.71 -21.87
N GLN A 405 24.07 24.62 -21.54
CA GLN A 405 24.40 23.61 -22.54
C GLN A 405 23.21 22.74 -22.87
N PRO A 406 22.99 22.44 -24.15
CA PRO A 406 21.88 21.61 -24.59
C PRO A 406 22.20 20.15 -24.50
N ALA A 407 21.15 19.37 -24.31
CA ALA A 407 21.23 17.93 -24.21
C ALA A 407 20.73 17.40 -25.56
N GLY A 408 21.14 16.19 -25.90
CA GLY A 408 20.75 15.61 -27.17
C GLY A 408 19.34 15.15 -27.29
N ARG A 409 18.91 14.93 -28.53
CA ARG A 409 17.56 14.44 -28.81
C ARG A 409 17.53 13.03 -28.22
N ILE A 410 16.41 12.65 -27.61
CA ILE A 410 16.29 11.36 -26.98
C ILE A 410 15.92 10.32 -27.98
N GLY A 411 14.79 10.52 -28.64
CA GLY A 411 14.36 9.58 -29.64
C GLY A 411 15.08 9.96 -30.90
N GLY A 412 14.93 9.18 -31.96
CA GLY A 412 15.57 9.52 -33.21
C GLY A 412 16.57 8.49 -33.71
N GLY A 413 17.48 8.09 -32.83
CA GLY A 413 18.47 7.09 -33.21
C GLY A 413 19.87 7.65 -33.32
N ARG A 414 20.84 6.75 -33.18
CA ARG A 414 22.27 7.03 -33.26
C ARG A 414 22.68 8.30 -32.56
N ASN A 415 22.19 8.50 -31.33
CA ASN A 415 22.55 9.71 -30.60
C ASN A 415 23.04 9.47 -29.16
N ILE A 416 23.50 8.24 -28.88
CA ILE A 416 24.02 7.90 -27.55
C ILE A 416 25.54 7.99 -27.59
N ASP A 417 26.12 8.90 -26.80
CA ASP A 417 27.60 9.05 -26.76
C ASP A 417 28.27 7.74 -26.37
N HIS A 418 29.29 7.38 -27.15
CA HIS A 418 30.01 6.12 -26.96
C HIS A 418 30.51 5.82 -25.55
N HIS A 419 30.81 6.86 -24.78
CA HIS A 419 31.27 6.64 -23.42
C HIS A 419 30.27 5.83 -22.59
N ILE A 420 28.97 6.03 -22.85
CA ILE A 420 27.99 5.30 -22.07
C ILE A 420 27.18 4.34 -22.92
N LEU A 421 27.63 4.08 -24.14
CA LEU A 421 26.90 3.18 -25.04
C LEU A 421 26.69 1.79 -24.42
N HIS A 422 27.62 1.36 -23.58
CA HIS A 422 27.46 0.03 -23.01
C HIS A 422 26.14 -0.13 -22.29
N VAL A 423 25.75 0.92 -21.59
CA VAL A 423 24.53 0.92 -20.82
C VAL A 423 23.39 0.40 -21.69
N ALA A 424 23.19 1.01 -22.85
CA ALA A 424 22.13 0.60 -23.77
C ALA A 424 22.25 -0.87 -24.20
N VAL A 425 23.48 -1.36 -24.34
CA VAL A 425 23.68 -2.75 -24.73
C VAL A 425 23.15 -3.61 -23.62
N ASP A 426 23.50 -3.25 -22.40
CA ASP A 426 23.04 -3.98 -21.23
C ASP A 426 21.51 -3.92 -21.12
N VAL A 427 20.91 -2.77 -21.43
CA VAL A 427 19.47 -2.64 -21.35
C VAL A 427 18.83 -3.68 -22.24
N ILE A 428 19.33 -3.79 -23.47
CA ILE A 428 18.77 -4.78 -24.40
C ILE A 428 18.85 -6.17 -23.78
N LYS A 429 20.03 -6.55 -23.31
CA LYS A 429 20.23 -7.87 -22.74
C LYS A 429 19.27 -8.13 -21.58
N GLU A 430 19.24 -7.19 -20.66
CA GLU A 430 18.41 -7.28 -19.46
C GLU A 430 16.98 -7.50 -19.80
N SER A 431 16.56 -6.84 -20.86
CA SER A 431 15.19 -6.94 -21.32
C SER A 431 14.88 -8.40 -21.57
N ARG A 432 15.75 -9.01 -22.33
CA ARG A 432 15.57 -10.39 -22.71
C ARG A 432 15.47 -11.35 -21.50
N VAL A 433 16.23 -11.08 -20.45
CA VAL A 433 16.21 -11.90 -19.25
C VAL A 433 14.83 -11.78 -18.65
N LEU A 434 14.29 -10.57 -18.72
CA LEU A 434 12.96 -10.28 -18.21
C LEU A 434 11.92 -10.85 -19.15
N ARG A 435 12.37 -11.39 -20.27
CA ARG A 435 11.46 -11.96 -21.26
C ARG A 435 10.38 -10.93 -21.57
N LEU A 436 10.75 -9.66 -21.72
CA LEU A 436 9.77 -8.60 -22.01
C LEU A 436 9.07 -8.85 -23.35
N GLN A 437 7.74 -8.67 -23.41
CA GLN A 437 6.99 -8.85 -24.66
C GLN A 437 7.43 -7.84 -25.75
N PRO A 438 6.98 -8.03 -26.99
CA PRO A 438 7.32 -7.15 -28.13
C PRO A 438 6.76 -5.73 -28.13
N PHE A 439 7.52 -4.83 -28.74
CA PHE A 439 7.17 -3.41 -28.83
C PHE A 439 5.73 -3.28 -29.33
N ASN A 440 5.42 -3.95 -30.43
CA ASN A 440 4.07 -3.85 -30.96
C ASN A 440 2.94 -4.22 -29.97
N GLU A 441 3.20 -5.14 -29.05
CA GLU A 441 2.19 -5.54 -28.08
C GLU A 441 1.99 -4.37 -27.14
N TYR A 442 3.09 -3.82 -26.65
CA TYR A 442 3.00 -2.69 -25.76
C TYR A 442 2.30 -1.54 -26.49
N ARG A 443 2.53 -1.42 -27.80
CA ARG A 443 1.90 -0.34 -28.57
C ARG A 443 0.41 -0.44 -28.36
N LYS A 444 -0.08 -1.66 -28.47
CA LYS A 444 -1.49 -1.86 -28.31
C LYS A 444 -1.91 -1.56 -26.88
N ARG A 445 -1.29 -2.23 -25.93
CA ARG A 445 -1.63 -2.09 -24.51
C ARG A 445 -1.78 -0.69 -24.01
N PHE A 446 -1.01 0.22 -24.60
CA PHE A 446 -1.08 1.62 -24.20
C PHE A 446 -1.92 2.48 -25.14
N GLY A 447 -2.86 1.82 -25.81
CA GLY A 447 -3.79 2.51 -26.68
C GLY A 447 -3.45 2.66 -28.14
N MET A 448 -2.23 2.35 -28.52
CA MET A 448 -1.85 2.54 -29.91
C MET A 448 -2.09 1.36 -30.85
N LYS A 449 -1.99 1.62 -32.15
CA LYS A 449 -2.16 0.60 -33.15
C LYS A 449 -0.74 0.19 -33.47
N PRO A 450 -0.50 -1.12 -33.65
CA PRO A 450 0.85 -1.61 -33.94
C PRO A 450 1.39 -1.20 -35.29
N TYR A 451 2.71 -1.08 -35.37
CA TYR A 451 3.37 -0.72 -36.60
C TYR A 451 3.21 -1.88 -37.56
N THR A 452 3.06 -1.58 -38.84
CA THR A 452 2.90 -2.63 -39.83
C THR A 452 4.14 -2.89 -40.64
N SER A 453 5.20 -2.12 -40.40
CA SER A 453 6.44 -2.29 -41.13
C SER A 453 7.52 -1.50 -40.45
N PHE A 454 8.76 -1.89 -40.68
CA PHE A 454 9.85 -1.17 -40.06
C PHE A 454 9.94 0.24 -40.62
N GLN A 455 9.51 0.38 -41.88
CA GLN A 455 9.55 1.68 -42.56
C GLN A 455 8.57 2.69 -41.98
N GLU A 456 7.51 2.17 -41.34
CA GLU A 456 6.49 2.99 -40.72
C GLU A 456 7.01 3.41 -39.37
N LEU A 457 7.69 2.49 -38.67
CA LEU A 457 8.24 2.78 -37.35
C LEU A 457 9.23 3.92 -37.46
N THR A 458 10.34 3.64 -38.13
CA THR A 458 11.37 4.66 -38.35
C THR A 458 10.73 5.49 -39.42
N GLY A 459 11.19 6.73 -39.59
CA GLY A 459 10.57 7.51 -40.65
C GLY A 459 11.12 7.22 -42.05
N GLU A 460 12.23 6.48 -42.08
CA GLU A 460 12.93 6.20 -43.33
C GLU A 460 12.90 4.80 -43.86
N LYS A 461 13.63 4.64 -44.97
CA LYS A 461 13.74 3.37 -45.65
C LYS A 461 15.01 2.63 -45.39
N GLU A 462 16.09 3.36 -45.16
CA GLU A 462 17.38 2.72 -44.96
C GLU A 462 17.48 1.79 -43.75
N MET A 463 17.69 2.32 -42.55
CA MET A 463 17.80 1.45 -41.39
C MET A 463 16.54 0.64 -41.11
N ALA A 464 15.42 1.09 -41.63
CA ALA A 464 14.15 0.36 -41.46
C ALA A 464 14.33 -0.96 -42.19
N ALA A 465 15.11 -0.89 -43.27
CA ALA A 465 15.38 -2.05 -44.07
C ALA A 465 16.32 -3.01 -43.39
N GLU A 466 17.27 -2.49 -42.64
CA GLU A 466 18.21 -3.35 -41.94
C GLU A 466 17.55 -4.01 -40.74
N LEU A 467 16.79 -3.21 -39.99
CA LEU A 467 16.09 -3.72 -38.83
C LEU A 467 15.24 -4.88 -39.34
N GLU A 468 14.66 -4.70 -40.51
CA GLU A 468 13.85 -5.75 -41.09
C GLU A 468 14.61 -7.05 -41.30
N GLU A 469 15.81 -6.97 -41.86
CA GLU A 469 16.58 -8.18 -42.08
C GLU A 469 17.04 -8.72 -40.73
N LEU A 470 17.30 -7.82 -39.78
CA LEU A 470 17.76 -8.20 -38.46
C LEU A 470 16.74 -8.94 -37.60
N TYR A 471 15.60 -8.28 -37.37
CA TYR A 471 14.51 -8.80 -36.55
C TYR A 471 13.64 -9.78 -37.28
N GLY A 472 13.30 -9.44 -38.50
CA GLY A 472 12.48 -10.32 -39.29
C GLY A 472 11.00 -9.97 -39.26
N ASP A 473 10.56 -9.28 -38.23
CA ASP A 473 9.14 -8.95 -38.19
C ASP A 473 8.95 -7.79 -37.27
N ILE A 474 8.13 -6.83 -37.67
CA ILE A 474 7.91 -5.69 -36.81
C ILE A 474 7.27 -6.24 -35.54
N ASP A 475 6.59 -7.37 -35.72
CA ASP A 475 5.94 -8.02 -34.61
C ASP A 475 6.96 -8.72 -33.73
N ALA A 476 8.24 -8.46 -33.96
CA ALA A 476 9.30 -9.04 -33.16
C ALA A 476 10.27 -7.94 -32.71
N LEU A 477 10.00 -6.70 -33.11
CA LEU A 477 10.84 -5.57 -32.71
C LEU A 477 10.70 -5.42 -31.19
N GLU A 478 11.83 -5.44 -30.48
CA GLU A 478 11.85 -5.33 -29.01
C GLU A 478 11.44 -3.96 -28.44
N PHE A 479 11.08 -3.95 -27.16
CA PHE A 479 10.64 -2.76 -26.43
C PHE A 479 11.51 -1.54 -26.47
N TYR A 480 12.70 -1.63 -25.89
CA TYR A 480 13.61 -0.49 -25.87
C TYR A 480 14.07 0.03 -27.25
N PRO A 481 14.55 -0.87 -28.13
CA PRO A 481 15.00 -0.42 -29.45
C PRO A 481 13.84 0.23 -30.19
N GLY A 482 12.66 -0.35 -30.03
CA GLY A 482 11.47 0.20 -30.67
C GLY A 482 11.21 1.61 -30.15
N LEU A 483 11.39 1.83 -28.85
CA LEU A 483 11.16 3.15 -28.28
C LEU A 483 12.17 4.20 -28.78
N LEU A 484 13.45 3.83 -28.74
CA LEU A 484 14.52 4.72 -29.17
C LEU A 484 14.62 4.94 -30.69
N LEU A 485 14.26 3.93 -31.48
CA LEU A 485 14.34 4.00 -32.94
C LEU A 485 13.10 4.46 -33.69
N GLU A 486 12.02 4.76 -32.98
CA GLU A 486 10.78 5.23 -33.63
C GLU A 486 10.96 6.70 -33.99
N LYS A 487 10.26 7.11 -35.05
CA LYS A 487 10.36 8.47 -35.54
C LYS A 487 9.84 9.52 -34.60
N CYS A 488 10.65 10.57 -34.43
CA CYS A 488 10.30 11.67 -33.53
C CYS A 488 9.18 12.61 -33.99
N HIS A 489 8.33 12.99 -33.03
CA HIS A 489 7.25 13.93 -33.29
C HIS A 489 7.93 15.18 -33.83
N PRO A 490 7.43 15.74 -34.95
CA PRO A 490 7.92 16.94 -35.62
C PRO A 490 9.19 17.62 -35.08
N ASN A 491 9.08 18.28 -33.92
CA ASN A 491 10.23 18.95 -33.31
C ASN A 491 10.27 18.54 -31.87
N SER A 492 10.13 17.25 -31.64
CA SER A 492 10.11 16.74 -30.29
C SER A 492 11.33 15.90 -29.96
N ILE A 493 11.58 15.83 -28.66
CA ILE A 493 12.72 15.12 -28.10
C ILE A 493 12.60 13.62 -28.34
N PHE A 494 11.40 13.18 -28.68
CA PHE A 494 11.12 11.79 -28.98
C PHE A 494 9.78 11.66 -29.66
N GLY A 495 9.41 10.41 -29.93
CA GLY A 495 8.16 10.13 -30.60
C GLY A 495 6.92 9.80 -29.79
N GLU A 496 5.96 9.23 -30.49
CA GLU A 496 4.66 8.87 -29.93
C GLU A 496 4.69 7.87 -28.77
N SER A 497 5.22 6.68 -28.99
CA SER A 497 5.25 5.69 -27.93
C SER A 497 5.88 6.14 -26.61
N MET A 498 6.92 6.98 -26.66
CA MET A 498 7.58 7.44 -25.44
C MET A 498 6.59 8.15 -24.55
N ILE A 499 5.82 9.04 -25.15
CA ILE A 499 4.80 9.82 -24.46
C ILE A 499 3.61 8.94 -24.07
N GLU A 500 3.04 8.25 -25.05
CA GLU A 500 1.89 7.40 -24.84
C GLU A 500 2.07 6.25 -23.83
N MET A 501 3.31 5.82 -23.64
CA MET A 501 3.65 4.73 -22.70
C MET A 501 4.29 5.27 -21.43
N GLY A 502 4.99 6.38 -21.54
CA GLY A 502 5.66 6.95 -20.39
C GLY A 502 4.78 7.80 -19.50
N ALA A 503 4.00 8.69 -20.09
CA ALA A 503 3.15 9.58 -19.32
C ALA A 503 2.31 8.91 -18.27
N PRO A 504 1.64 7.79 -18.59
CA PRO A 504 0.83 7.14 -17.54
C PRO A 504 1.71 6.69 -16.37
N PHE A 505 2.78 5.98 -16.69
CA PHE A 505 3.69 5.53 -15.66
C PHE A 505 4.05 6.73 -14.80
N LEU A 507 2.56 10.01 -14.53
CA LEU A 507 1.50 10.66 -13.78
C LEU A 507 0.84 9.85 -12.68
N LYS A 508 0.82 8.53 -12.82
CA LYS A 508 0.25 7.69 -11.77
C LYS A 508 1.23 7.68 -10.59
N GLY A 509 2.51 7.62 -10.94
CA GLY A 509 3.54 7.61 -9.93
C GLY A 509 3.74 8.95 -9.26
N LEU A 510 3.02 9.96 -9.72
CA LEU A 510 3.17 11.28 -9.13
C LEU A 510 1.97 11.61 -8.25
N LEU A 511 0.77 11.36 -8.75
CA LEU A 511 -0.39 11.64 -7.96
C LEU A 511 -0.65 10.51 -6.96
N GLY A 512 -0.26 9.29 -7.30
CA GLY A 512 -0.48 8.17 -6.39
C GLY A 512 0.49 8.06 -5.22
N ASN A 513 0.76 9.20 -4.60
CA ASN A 513 1.65 9.30 -3.47
C ASN A 513 0.71 9.61 -2.30
N PRO A 514 0.92 9.00 -1.15
CA PRO A 514 -0.01 9.28 -0.05
C PRO A 514 -0.23 10.74 0.26
N ILE A 515 0.70 11.62 -0.05
CA ILE A 515 0.44 13.02 0.28
C ILE A 515 -0.58 13.68 -0.65
N CYS A 516 -0.88 13.07 -1.77
CA CYS A 516 -1.85 13.68 -2.67
C CYS A 516 -3.24 13.27 -2.33
N SER A 517 -3.34 12.39 -1.35
CA SER A 517 -4.64 11.90 -0.92
C SER A 517 -5.27 12.99 -0.09
N PRO A 518 -6.59 13.04 -0.08
CA PRO A 518 -7.34 14.06 0.67
C PRO A 518 -7.07 13.97 2.15
N GLU A 519 -6.53 12.85 2.58
CA GLU A 519 -6.24 12.61 3.97
C GLU A 519 -5.03 13.40 4.45
N TYR A 520 -4.00 13.44 3.64
CA TYR A 520 -2.76 14.14 3.96
C TYR A 520 -2.65 15.55 3.38
N TRP A 521 -3.41 15.86 2.34
CA TRP A 521 -3.34 17.16 1.70
C TRP A 521 -4.06 18.19 2.55
N LYS A 522 -3.69 18.21 3.82
CA LYS A 522 -4.21 19.14 4.81
C LYS A 522 -3.02 20.05 5.09
N ALA A 523 -3.26 21.31 5.39
CA ALA A 523 -2.15 22.21 5.68
C ALA A 523 -1.43 21.85 6.97
N SER A 524 -2.07 21.03 7.83
CA SER A 524 -1.45 20.62 9.08
C SER A 524 -0.35 19.61 8.81
N THR A 525 -0.48 18.86 7.73
CA THR A 525 0.53 17.86 7.36
C THR A 525 1.88 18.50 7.13
N PHE A 526 1.86 19.75 6.68
CA PHE A 526 3.09 20.48 6.38
C PHE A 526 3.56 21.49 7.44
N GLY A 527 2.92 21.47 8.61
CA GLY A 527 3.29 22.38 9.68
C GLY A 527 2.54 23.70 9.67
N GLY A 528 1.51 23.81 8.85
CA GLY A 528 0.75 25.04 8.79
C GLY A 528 0.82 25.68 7.43
N GLU A 529 0.10 26.77 7.24
CA GLU A 529 0.11 27.45 5.96
C GLU A 529 1.51 27.74 5.42
N VAL A 530 2.48 27.87 6.31
CA VAL A 530 3.87 28.12 5.90
C VAL A 530 4.34 26.98 5.04
N GLY A 531 4.65 25.87 5.70
CA GLY A 531 5.14 24.71 4.99
C GLY A 531 4.28 24.43 3.78
N PHE A 532 2.97 24.56 3.96
CA PHE A 532 2.04 24.28 2.90
C PHE A 532 2.29 25.06 1.64
N ASN A 533 2.50 26.36 1.79
CA ASN A 533 2.76 27.18 0.63
C ASN A 533 4.04 26.80 -0.07
N LEU A 534 5.07 26.46 0.72
CA LEU A 534 6.36 26.05 0.15
C LEU A 534 6.02 25.01 -0.91
N VAL A 535 5.15 24.09 -0.56
CA VAL A 535 4.74 23.07 -1.48
C VAL A 535 3.95 23.69 -2.61
N LYS A 536 2.95 24.47 -2.25
CA LYS A 536 2.11 25.05 -3.26
C LYS A 536 2.76 26.07 -4.15
N THR A 537 3.98 26.50 -3.85
CA THR A 537 4.59 27.53 -4.69
C THR A 537 6.03 27.30 -5.18
N ALA A 538 6.48 26.05 -5.19
CA ALA A 538 7.85 25.74 -5.59
C ALA A 538 8.28 26.04 -7.02
N THR A 539 9.57 26.34 -7.14
CA THR A 539 10.15 26.70 -8.40
C THR A 539 11.55 26.17 -8.47
N LEU A 540 11.94 25.69 -9.64
CA LEU A 540 13.28 25.17 -9.86
C LEU A 540 14.21 26.31 -9.48
N LYS A 541 13.85 27.52 -9.94
CA LYS A 541 14.63 28.74 -9.65
C LYS A 541 14.67 29.04 -8.14
N LYS A 542 13.52 28.97 -7.50
CA LYS A 542 13.47 29.24 -6.08
C LYS A 542 14.35 28.20 -5.36
N LEU A 543 14.29 26.96 -5.85
CA LEU A 543 15.06 25.84 -5.29
C LEU A 543 16.54 26.15 -5.27
N VAL A 544 17.09 26.57 -6.40
CA VAL A 544 18.51 26.88 -6.42
C VAL A 544 18.80 28.19 -5.72
N CYS A 545 18.20 29.24 -6.24
CA CYS A 545 18.45 30.57 -5.77
C CYS A 545 18.28 30.91 -4.31
N LEU A 546 17.39 30.22 -3.62
CA LEU A 546 17.23 30.51 -2.21
C LEU A 546 18.32 29.83 -1.41
N ASN A 547 19.01 28.89 -2.04
CA ASN A 547 20.06 28.19 -1.34
C ASN A 547 21.45 28.56 -1.83
N THR A 548 21.53 29.62 -2.62
CA THR A 548 22.81 30.07 -3.13
C THR A 548 23.05 31.55 -2.93
N LYS A 549 24.31 31.91 -2.64
CA LYS A 549 24.72 33.30 -2.40
C LYS A 549 24.38 34.21 -3.57
N THR A 550 24.15 33.63 -4.72
CA THR A 550 23.83 34.40 -5.89
C THR A 550 23.03 33.53 -6.86
N CYS A 551 21.95 34.11 -7.38
CA CYS A 551 21.08 33.40 -8.33
C CYS A 551 21.60 33.50 -9.76
N PRO A 552 21.84 32.35 -10.41
CA PRO A 552 22.34 32.35 -11.79
C PRO A 552 21.20 32.08 -12.76
N TYR A 553 21.53 31.79 -14.02
CA TYR A 553 20.49 31.46 -14.97
C TYR A 553 20.11 30.05 -14.55
N VAL A 554 18.84 29.83 -14.24
CA VAL A 554 18.40 28.50 -13.84
C VAL A 554 17.19 28.18 -14.66
N SER A 555 17.19 27.05 -15.34
CA SER A 555 16.05 26.66 -16.15
C SER A 555 16.25 25.33 -16.83
N PHE A 556 15.16 24.64 -17.15
CA PHE A 556 15.26 23.36 -17.84
C PHE A 556 15.43 23.59 -19.33
N HIS A 557 15.12 24.82 -19.74
CA HIS A 557 15.23 25.24 -21.12
C HIS A 557 16.51 26.03 -21.24
N VAL A 558 17.30 25.73 -22.27
CA VAL A 558 18.54 26.45 -22.49
C VAL A 558 18.11 27.85 -22.89
N PRO A 559 18.82 28.88 -22.44
CA PRO A 559 18.47 30.26 -22.78
C PRO A 559 18.37 30.51 -24.28
N VAL B 9 0.96 24.95 29.82
CA VAL B 9 0.32 23.58 29.71
C VAL B 9 0.03 23.34 28.23
N ASN B 10 0.34 22.16 27.71
CA ASN B 10 0.06 21.89 26.31
C ASN B 10 -1.44 22.07 25.99
N PRO B 11 -1.80 23.12 25.23
CA PRO B 11 -3.19 23.39 24.87
C PRO B 11 -3.89 22.22 24.19
N CYS B 12 -3.12 21.43 23.45
CA CYS B 12 -3.73 20.30 22.79
C CYS B 12 -4.19 19.27 23.79
N CYS B 13 -3.77 19.41 25.04
CA CYS B 13 -4.19 18.49 26.07
C CYS B 13 -5.69 18.64 26.30
N TYR B 14 -6.20 19.83 26.01
CA TYR B 14 -7.61 20.10 26.22
C TYR B 14 -8.44 19.55 25.09
N TYR B 15 -7.79 18.85 24.17
CA TYR B 15 -8.50 18.29 23.03
C TYR B 15 -9.43 19.35 22.47
N PRO B 16 -8.91 20.54 22.12
CA PRO B 16 -9.72 21.64 21.60
C PRO B 16 -10.45 21.42 20.28
N CYS B 17 -9.74 20.89 19.30
CA CYS B 17 -10.31 20.69 17.97
C CYS B 17 -11.38 19.63 17.86
N GLN B 18 -12.54 20.06 17.40
CA GLN B 18 -13.71 19.20 17.23
C GLN B 18 -13.87 18.52 15.87
N HIS B 19 -14.75 17.54 15.86
CA HIS B 19 -15.06 16.80 14.64
C HIS B 19 -13.90 16.39 13.74
N GLN B 20 -12.80 15.96 14.34
CA GLN B 20 -11.65 15.51 13.58
C GLN B 20 -10.76 16.65 13.12
N GLY B 21 -10.90 17.80 13.74
CA GLY B 21 -10.00 18.90 13.39
C GLY B 21 -8.66 18.43 13.93
N ILE B 22 -7.54 19.02 13.52
CA ILE B 22 -6.24 18.60 14.01
C ILE B 22 -5.62 19.63 14.93
N CYS B 23 -5.24 19.25 16.14
CA CYS B 23 -4.68 20.28 17.00
C CYS B 23 -3.22 20.44 16.68
N VAL B 24 -2.80 21.62 16.26
CA VAL B 24 -1.39 21.80 15.98
C VAL B 24 -0.89 22.83 16.96
N ARG B 25 0.20 22.54 17.65
CA ARG B 25 0.68 23.54 18.59
C ARG B 25 1.52 24.58 17.85
N PHE B 26 1.55 25.79 18.37
CA PHE B 26 2.34 26.85 17.75
C PHE B 26 2.91 27.67 18.89
N GLY B 27 4.07 28.30 18.68
CA GLY B 27 4.64 29.11 19.74
C GLY B 27 4.79 28.31 21.01
N LEU B 28 5.12 28.95 22.12
CA LEU B 28 5.29 28.19 23.34
C LEU B 28 3.95 27.73 23.78
N ASP B 29 3.01 28.67 23.79
CA ASP B 29 1.64 28.39 24.14
C ASP B 29 0.96 28.06 22.81
N ARG B 30 -0.08 28.81 22.47
CA ARG B 30 -0.84 28.65 21.23
C ARG B 30 -1.06 27.28 20.63
N TYR B 31 -2.02 27.23 19.72
CA TYR B 31 -2.35 26.00 19.06
C TYR B 31 -3.34 26.45 18.02
N GLN B 32 -3.50 25.64 16.97
CA GLN B 32 -4.44 25.94 15.89
C GLN B 32 -5.09 24.63 15.47
N CYS B 33 -6.38 24.66 15.19
CA CYS B 33 -7.07 23.46 14.76
C CYS B 33 -7.18 23.41 13.26
N ASP B 34 -6.76 22.31 12.66
CA ASP B 34 -6.89 22.20 11.24
C ASP B 34 -8.22 21.53 10.93
N CYS B 35 -9.20 22.33 10.53
CA CYS B 35 -10.51 21.80 10.20
C CYS B 35 -10.66 21.58 8.70
N THR B 36 -9.58 21.19 8.03
CA THR B 36 -9.68 20.99 6.61
C THR B 36 -10.63 19.84 6.37
N ARG B 37 -11.57 20.05 5.46
CA ARG B 37 -12.58 19.06 5.10
C ARG B 37 -13.24 18.42 6.33
N THR B 38 -13.34 19.20 7.40
CA THR B 38 -13.93 18.67 8.63
C THR B 38 -15.44 18.69 8.62
N GLY B 39 -16.03 19.68 7.98
CA GLY B 39 -17.47 19.78 7.98
C GLY B 39 -17.83 20.95 8.86
N TYR B 40 -16.87 21.39 9.67
CA TYR B 40 -17.07 22.53 10.55
C TYR B 40 -15.98 23.54 10.35
N SER B 41 -16.27 24.76 10.75
CA SER B 41 -15.37 25.89 10.67
C SER B 41 -15.26 26.41 12.07
N GLY B 42 -14.48 27.45 12.26
CA GLY B 42 -14.35 27.97 13.60
C GLY B 42 -12.96 27.71 14.10
N PRO B 43 -12.63 28.19 15.30
CA PRO B 43 -11.32 28.04 15.92
C PRO B 43 -11.11 26.64 16.43
N ASN B 44 -12.22 25.96 16.75
CA ASN B 44 -12.16 24.59 17.25
C ASN B 44 -12.97 23.66 16.36
N CYS B 45 -13.23 24.07 15.13
CA CYS B 45 -14.01 23.25 14.21
C CYS B 45 -15.36 22.89 14.80
N THR B 46 -16.11 23.90 15.24
CA THR B 46 -17.42 23.70 15.83
C THR B 46 -18.59 24.26 15.06
N ILE B 47 -18.36 25.26 14.21
CA ILE B 47 -19.43 25.86 13.42
C ILE B 47 -19.67 25.09 12.14
N PRO B 48 -20.74 24.31 12.08
CA PRO B 48 -21.05 23.54 10.89
C PRO B 48 -21.38 24.34 9.66
N GLU B 49 -21.46 23.60 8.56
CA GLU B 49 -21.81 24.11 7.23
C GLU B 49 -23.26 23.71 7.14
N ILE B 50 -24.04 24.42 6.33
CA ILE B 50 -25.45 24.09 6.27
C ILE B 50 -25.75 22.64 6.09
N TRP B 51 -25.08 22.04 5.11
CA TRP B 51 -25.32 20.66 4.83
C TRP B 51 -24.87 19.81 6.01
N THR B 52 -23.74 20.12 6.60
CA THR B 52 -23.28 19.35 7.74
C THR B 52 -24.24 19.37 8.90
N TRP B 53 -24.76 20.54 9.22
CA TRP B 53 -25.71 20.68 10.31
C TRP B 53 -26.95 19.89 9.95
N LEU B 54 -27.48 20.17 8.78
CA LEU B 54 -28.66 19.50 8.29
C LEU B 54 -28.46 17.99 8.34
N ARG B 55 -27.27 17.53 7.98
CA ARG B 55 -26.97 16.11 7.97
C ARG B 55 -26.98 15.51 9.35
N THR B 56 -26.36 16.18 10.30
CA THR B 56 -26.34 15.64 11.63
C THR B 56 -27.66 15.78 12.39
N THR B 57 -28.46 16.81 12.08
CA THR B 57 -29.73 16.98 12.76
C THR B 57 -30.70 15.86 12.43
N LEU B 58 -30.52 15.25 11.28
CA LEU B 58 -31.39 14.16 10.89
C LEU B 58 -30.79 12.81 11.19
N ARG B 59 -29.48 12.74 11.38
CA ARG B 59 -28.82 11.46 11.66
C ARG B 59 -29.53 10.77 12.81
N PRO B 60 -30.23 9.65 12.51
CA PRO B 60 -30.96 8.89 13.53
C PRO B 60 -30.02 8.13 14.43
N SER B 61 -30.37 8.13 15.70
CA SER B 61 -29.62 7.47 16.74
C SER B 61 -29.12 6.10 16.35
N PRO B 62 -27.86 5.82 16.66
CA PRO B 62 -27.28 4.53 16.36
C PRO B 62 -28.17 3.46 17.00
N SER B 63 -28.68 3.78 18.17
CA SER B 63 -29.54 2.87 18.90
C SER B 63 -30.77 2.56 18.05
N PHE B 64 -31.39 3.59 17.48
CA PHE B 64 -32.59 3.42 16.66
C PHE B 64 -32.32 2.47 15.52
N ILE B 65 -31.28 2.83 14.77
CA ILE B 65 -30.87 2.05 13.63
C ILE B 65 -30.76 0.59 14.05
N HIS B 66 -30.05 0.33 15.15
CA HIS B 66 -29.89 -1.03 15.64
C HIS B 66 -31.21 -1.71 15.85
N PHE B 67 -32.13 -0.97 16.43
CA PHE B 67 -33.44 -1.49 16.69
C PHE B 67 -34.08 -1.99 15.40
N LEU B 68 -34.12 -1.11 14.42
CA LEU B 68 -34.69 -1.44 13.13
C LEU B 68 -34.03 -2.71 12.59
N LEU B 69 -32.70 -2.71 12.50
CA LEU B 69 -31.98 -3.86 11.98
C LEU B 69 -32.17 -5.16 12.73
N THR B 70 -32.95 -5.13 13.80
CA THR B 70 -33.16 -6.31 14.61
C THR B 70 -34.60 -6.71 14.86
N HIS B 71 -35.51 -6.06 14.14
CA HIS B 71 -36.93 -6.35 14.27
C HIS B 71 -37.62 -6.42 12.94
N GLY B 72 -38.79 -7.03 12.94
CA GLY B 72 -39.57 -7.13 11.73
C GLY B 72 -39.10 -8.18 10.78
N ARG B 73 -38.59 -9.29 11.33
CA ARG B 73 -38.09 -10.41 10.55
C ARG B 73 -38.87 -10.46 9.25
N TRP B 74 -40.20 -10.40 9.38
CA TRP B 74 -41.11 -10.43 8.25
C TRP B 74 -40.78 -9.39 7.22
N LEU B 75 -40.76 -8.14 7.63
CA LEU B 75 -40.46 -7.07 6.73
C LEU B 75 -39.09 -7.27 6.12
N TRP B 76 -38.12 -7.63 6.97
CA TRP B 76 -36.76 -7.82 6.50
C TRP B 76 -36.62 -8.93 5.49
N ASP B 77 -37.32 -10.02 5.71
CA ASP B 77 -37.25 -11.13 4.78
C ASP B 77 -37.59 -10.70 3.38
N PHE B 78 -38.59 -9.84 3.27
CA PHE B 78 -38.99 -9.33 1.98
C PHE B 78 -37.81 -8.55 1.40
N VAL B 79 -37.33 -7.61 2.19
CA VAL B 79 -36.23 -6.76 1.81
C VAL B 79 -35.01 -7.58 1.39
N ASN B 80 -34.60 -8.57 2.19
CA ASN B 80 -33.45 -9.39 1.82
C ASN B 80 -33.61 -10.01 0.46
N ALA B 81 -34.85 -10.09 0.01
CA ALA B 81 -35.15 -10.70 -1.27
C ALA B 81 -35.31 -9.72 -2.42
N THR B 82 -35.20 -8.43 -2.13
CA THR B 82 -35.31 -7.41 -3.16
C THR B 82 -33.92 -6.88 -3.46
N PHE B 83 -33.84 -5.86 -4.30
CA PHE B 83 -32.54 -5.26 -4.60
C PHE B 83 -32.10 -4.42 -3.39
N ILE B 84 -33.07 -3.93 -2.63
CA ILE B 84 -32.82 -3.11 -1.46
C ILE B 84 -31.73 -3.66 -0.54
N ARG B 85 -31.52 -4.99 -0.57
CA ARG B 85 -30.49 -5.63 0.23
C ARG B 85 -29.17 -5.00 -0.18
N ASP B 86 -28.75 -5.26 -1.41
CA ASP B 86 -27.50 -4.74 -1.95
C ASP B 86 -27.40 -3.28 -1.65
N THR B 87 -28.48 -2.59 -1.92
CA THR B 87 -28.51 -1.17 -1.68
C THR B 87 -27.99 -0.85 -0.29
N LEU B 88 -28.65 -1.41 0.71
CA LEU B 88 -28.26 -1.15 2.08
C LEU B 88 -26.85 -1.65 2.30
N MET B 89 -26.63 -2.91 1.97
CA MET B 89 -25.34 -3.58 2.15
C MET B 89 -24.18 -2.70 1.68
N ARG B 90 -24.40 -2.03 0.56
CA ARG B 90 -23.40 -1.15 -0.01
C ARG B 90 -23.29 0.06 0.90
N LEU B 91 -24.43 0.65 1.22
CA LEU B 91 -24.46 1.83 2.08
C LEU B 91 -23.70 1.61 3.38
N VAL B 92 -24.02 0.51 4.04
CA VAL B 92 -23.37 0.14 5.28
C VAL B 92 -21.86 0.22 5.04
N LEU B 93 -21.43 -0.52 4.02
CA LEU B 93 -20.03 -0.60 3.60
C LEU B 93 -19.41 0.78 3.51
N THR B 94 -19.93 1.63 2.65
CA THR B 94 -19.35 2.93 2.49
C THR B 94 -19.30 3.77 3.77
N VAL B 95 -20.48 4.09 4.30
CA VAL B 95 -20.59 4.95 5.48
C VAL B 95 -19.83 4.44 6.69
N ARG B 96 -19.69 3.12 6.75
CA ARG B 96 -18.99 2.50 7.85
C ARG B 96 -17.48 2.76 7.69
N SER B 97 -17.01 2.44 6.49
CA SER B 97 -15.60 2.55 6.14
C SER B 97 -14.97 3.93 6.29
N ASN B 98 -15.77 4.98 6.12
CA ASN B 98 -15.29 6.36 6.22
C ASN B 98 -14.63 6.83 7.51
N LEU B 99 -14.92 6.17 8.61
CA LEU B 99 -14.35 6.60 9.86
C LEU B 99 -12.86 6.24 9.92
N ILE B 100 -12.51 5.13 9.27
CA ILE B 100 -11.14 4.71 9.24
C ILE B 100 -10.41 5.41 8.10
N PRO B 101 -9.33 6.10 8.44
CA PRO B 101 -8.49 6.86 7.50
C PRO B 101 -7.55 6.06 6.62
N SER B 102 -7.45 6.49 5.37
CA SER B 102 -6.56 5.87 4.41
C SER B 102 -6.06 6.87 3.39
N PRO B 103 -4.73 6.98 3.25
CA PRO B 103 -3.68 6.26 3.95
C PRO B 103 -3.79 6.40 5.45
N PRO B 104 -3.03 5.59 6.19
CA PRO B 104 -3.00 5.59 7.66
C PRO B 104 -2.47 6.92 8.14
N THR B 105 -2.66 7.23 9.41
CA THR B 105 -2.17 8.50 9.89
C THR B 105 -0.98 8.42 10.84
N TYR B 106 -1.25 8.38 12.14
CA TYR B 106 -0.20 8.37 13.15
C TYR B 106 0.13 7.01 13.71
N ASN B 107 1.23 6.95 14.46
CA ASN B 107 1.67 5.71 15.08
C ASN B 107 2.21 5.97 16.47
N ILE B 108 2.60 4.89 17.15
CA ILE B 108 3.12 5.00 18.51
C ILE B 108 4.25 6.02 18.55
N ALA B 109 4.98 6.09 17.44
CA ALA B 109 6.11 6.98 17.26
C ALA B 109 5.78 8.40 16.80
N HIS B 110 4.68 8.61 16.09
CA HIS B 110 4.41 9.96 15.62
C HIS B 110 2.97 10.37 15.70
N ASP B 111 2.69 11.44 16.43
CA ASP B 111 1.33 11.92 16.49
C ASP B 111 1.24 13.01 15.44
N TYR B 112 1.72 12.64 14.28
CA TYR B 112 1.70 13.51 13.12
C TYR B 112 1.81 12.59 11.95
N ILE B 113 1.56 13.12 10.75
CA ILE B 113 1.71 12.28 9.57
C ILE B 113 3.19 12.44 9.24
N SER B 114 3.86 11.35 8.91
CA SER B 114 5.27 11.42 8.58
C SER B 114 5.40 10.37 7.54
N TRP B 115 6.34 10.54 6.61
CA TRP B 115 6.53 9.52 5.61
C TRP B 115 6.79 8.20 6.33
N GLU B 116 7.68 8.23 7.34
CA GLU B 116 8.02 7.02 8.09
C GLU B 116 6.83 6.29 8.65
N SER B 117 5.82 7.01 9.11
CA SER B 117 4.63 6.32 9.61
C SER B 117 3.89 5.60 8.47
N PHE B 118 3.90 6.22 7.29
CA PHE B 118 3.24 5.67 6.12
C PHE B 118 4.00 4.52 5.52
N SER B 119 5.30 4.48 5.75
CA SER B 119 6.15 3.43 5.18
C SER B 119 6.51 2.28 6.07
N ASN B 120 6.89 2.56 7.32
CA ASN B 120 7.30 1.52 8.24
C ASN B 120 6.14 0.68 8.74
N VAL B 121 5.89 -0.47 8.12
CA VAL B 121 4.73 -1.25 8.55
C VAL B 121 4.85 -2.17 9.74
N SER B 122 5.94 -2.03 10.48
CA SER B 122 6.07 -2.84 11.66
C SER B 122 5.28 -2.15 12.74
N TYR B 123 4.82 -0.93 12.47
CA TYR B 123 4.01 -0.15 13.42
C TYR B 123 2.46 -0.38 13.34
N TYR B 124 1.79 -0.45 14.48
CA TYR B 124 0.34 -0.55 14.48
C TYR B 124 0.03 0.95 14.44
N THR B 125 -0.97 1.33 13.65
CA THR B 125 -1.35 2.74 13.52
C THR B 125 -2.42 2.96 14.55
N ARG B 126 -2.85 4.20 14.69
CA ARG B 126 -3.90 4.58 15.64
C ARG B 126 -4.81 5.62 14.99
N ILE B 127 -6.05 5.72 15.48
CA ILE B 127 -7.00 6.69 14.95
C ILE B 127 -6.83 8.02 15.66
N LEU B 128 -6.53 7.95 16.96
CA LEU B 128 -6.35 9.14 17.77
C LEU B 128 -4.99 9.23 18.43
N PRO B 129 -4.28 10.32 18.13
CA PRO B 129 -2.95 10.64 18.65
C PRO B 129 -2.96 10.47 20.15
N SER B 130 -1.80 10.16 20.72
CA SER B 130 -1.69 9.95 22.17
C SER B 130 -1.97 11.16 23.04
N VAL B 131 -2.30 10.92 24.31
CA VAL B 131 -2.54 12.03 25.21
C VAL B 131 -1.11 12.47 25.47
N PRO B 132 -0.79 13.68 25.03
CA PRO B 132 0.53 14.29 25.16
C PRO B 132 1.16 14.10 26.51
N ARG B 133 2.40 13.60 26.47
CA ARG B 133 3.18 13.32 27.67
C ARG B 133 3.45 14.55 28.55
N ASP B 134 3.00 15.73 28.10
CA ASP B 134 3.19 16.93 28.87
C ASP B 134 1.88 17.44 29.47
N CYS B 135 0.83 16.62 29.40
CA CYS B 135 -0.43 17.04 30.00
C CYS B 135 -0.31 16.83 31.48
N PRO B 136 -1.15 17.52 32.27
CA PRO B 136 -1.18 17.44 33.74
C PRO B 136 -1.67 16.13 34.34
N THR B 137 -2.54 15.43 33.62
CA THR B 137 -3.05 14.16 34.09
C THR B 137 -2.77 13.14 33.00
N PRO B 138 -2.77 11.86 33.35
CA PRO B 138 -2.49 10.78 32.40
C PRO B 138 -3.56 10.59 31.29
N MET B 139 -4.59 11.41 31.31
CA MET B 139 -5.64 11.33 30.31
C MET B 139 -5.79 12.69 29.66
N GLY B 140 -5.05 13.66 30.16
CA GLY B 140 -5.08 15.00 29.61
C GLY B 140 -5.30 16.09 30.63
N THR B 141 -6.56 16.50 30.73
CA THR B 141 -6.94 17.55 31.64
C THR B 141 -7.76 17.09 32.81
N LYS B 142 -8.49 15.98 32.68
CA LYS B 142 -9.34 15.55 33.77
C LYS B 142 -8.92 14.29 34.50
N GLY B 143 -9.68 13.90 35.51
CA GLY B 143 -9.36 12.67 36.25
C GLY B 143 -8.31 12.82 37.33
N LYS B 144 -7.98 11.69 37.98
CA LYS B 144 -6.99 11.66 39.05
C LYS B 144 -5.62 11.73 38.41
N LYS B 145 -4.60 12.05 39.20
CA LYS B 145 -3.25 12.12 38.66
C LYS B 145 -2.66 10.74 38.49
N GLN B 146 -3.36 9.74 39.02
CA GLN B 146 -2.94 8.35 38.91
C GLN B 146 -4.19 7.54 38.56
N LEU B 147 -4.04 6.58 37.68
CA LEU B 147 -5.17 5.76 37.25
C LEU B 147 -5.35 4.48 38.08
N PRO B 148 -6.60 4.00 38.17
CA PRO B 148 -6.97 2.79 38.92
C PRO B 148 -5.99 1.65 38.68
N ASP B 149 -5.60 0.97 39.74
CA ASP B 149 -4.69 -0.15 39.63
C ASP B 149 -5.34 -1.28 38.83
N ALA B 150 -4.94 -1.40 37.57
CA ALA B 150 -5.44 -2.42 36.65
C ALA B 150 -5.81 -3.77 37.27
N GLU B 151 -4.91 -4.32 38.08
CA GLU B 151 -5.13 -5.60 38.75
C GLU B 151 -6.48 -5.55 39.43
N PHE B 152 -6.64 -4.49 40.23
CA PHE B 152 -7.85 -4.23 41.01
C PHE B 152 -9.04 -3.96 40.09
N LEU B 153 -8.87 -2.98 39.22
CA LEU B 153 -9.88 -2.59 38.27
C LEU B 153 -10.40 -3.85 37.58
N SER B 154 -9.50 -4.76 37.25
CA SER B 154 -9.86 -6.01 36.59
C SER B 154 -10.54 -6.99 37.50
N ARG B 155 -10.14 -7.00 38.76
CA ARG B 155 -10.72 -7.90 39.73
C ARG B 155 -12.09 -7.45 40.20
N ARG B 156 -12.28 -6.12 40.29
CA ARG B 156 -13.54 -5.49 40.71
C ARG B 156 -14.66 -5.46 39.65
N PHE B 157 -14.29 -5.35 38.37
CA PHE B 157 -15.30 -5.27 37.31
C PHE B 157 -15.23 -6.19 36.09
N LEU B 158 -14.13 -6.90 35.88
CA LEU B 158 -14.08 -7.76 34.70
C LEU B 158 -14.04 -9.21 35.06
N LEU B 159 -13.71 -9.48 36.32
CA LEU B 159 -13.62 -10.84 36.82
C LEU B 159 -14.95 -11.56 36.95
N ARG B 160 -15.10 -12.62 36.17
CA ARG B 160 -16.32 -13.40 36.21
C ARG B 160 -16.62 -13.99 37.57
N ARG B 161 -17.86 -13.84 38.01
CA ARG B 161 -18.27 -14.39 39.28
C ARG B 161 -19.16 -15.60 38.97
N LYS B 162 -20.13 -15.39 38.09
CA LYS B 162 -21.03 -16.47 37.69
C LYS B 162 -21.08 -16.29 36.20
N PHE B 163 -20.87 -17.37 35.47
CA PHE B 163 -20.88 -17.28 34.01
C PHE B 163 -22.16 -16.76 33.40
N ILE B 164 -22.04 -15.70 32.63
CA ILE B 164 -23.18 -15.13 31.97
C ILE B 164 -23.04 -15.55 30.53
N PRO B 165 -23.96 -16.35 30.02
CA PRO B 165 -23.76 -16.71 28.63
C PRO B 165 -24.28 -15.63 27.71
N ASP B 166 -23.68 -15.55 26.51
CA ASP B 166 -24.09 -14.59 25.50
C ASP B 166 -25.46 -15.01 25.01
N PRO B 167 -26.39 -14.07 24.98
CA PRO B 167 -27.77 -14.22 24.56
C PRO B 167 -27.92 -14.49 23.08
N GLN B 168 -27.02 -13.97 22.25
CA GLN B 168 -27.16 -14.25 20.83
C GLN B 168 -27.04 -15.73 20.48
N GLY B 169 -26.46 -16.52 21.38
CA GLY B 169 -26.34 -17.94 21.16
C GLY B 169 -25.03 -18.28 20.50
N THR B 170 -24.09 -17.37 20.66
CA THR B 170 -22.75 -17.54 20.11
C THR B 170 -22.14 -18.72 20.89
N ASN B 171 -21.61 -19.69 20.17
CA ASN B 171 -21.03 -20.84 20.81
C ASN B 171 -19.53 -20.77 20.77
N LEU B 172 -18.88 -21.88 21.09
CA LEU B 172 -17.44 -21.90 21.07
C LEU B 172 -16.86 -21.91 19.67
N MET B 173 -17.53 -22.56 18.72
CA MET B 173 -17.04 -22.59 17.34
C MET B 173 -16.70 -21.16 16.89
N PHE B 174 -17.59 -20.22 17.21
CA PHE B 174 -17.39 -18.80 16.88
C PHE B 174 -16.26 -18.25 17.73
N ALA B 175 -16.27 -18.49 19.04
CA ALA B 175 -15.20 -17.99 19.90
C ALA B 175 -13.83 -18.34 19.34
N PHE B 176 -13.63 -19.62 19.03
CA PHE B 176 -12.37 -20.04 18.49
C PHE B 176 -12.14 -19.45 17.11
N PHE B 177 -13.14 -19.45 16.25
CA PHE B 177 -12.96 -18.84 14.94
C PHE B 177 -12.39 -17.42 15.14
N ALA B 178 -13.17 -16.57 15.82
CA ALA B 178 -12.79 -15.19 16.10
C ALA B 178 -11.37 -15.09 16.61
N GLN B 179 -10.98 -16.01 17.48
CA GLN B 179 -9.64 -16.00 18.04
C GLN B 179 -8.61 -16.24 16.95
N HIS B 180 -8.67 -17.43 16.38
CA HIS B 180 -7.80 -17.89 15.32
C HIS B 180 -7.69 -16.88 14.20
N PHE B 181 -8.84 -16.32 13.82
CA PHE B 181 -8.91 -15.36 12.73
C PHE B 181 -8.24 -14.07 13.03
N THR B 182 -8.54 -13.52 14.18
CA THR B 182 -7.95 -12.26 14.55
C THR B 182 -6.48 -12.44 14.86
N HIS B 183 -6.02 -13.69 14.99
CA HIS B 183 -4.60 -13.86 15.26
C HIS B 183 -3.74 -13.90 14.03
N GLN B 184 -4.26 -13.33 12.96
CA GLN B 184 -3.50 -13.24 11.72
C GLN B 184 -3.16 -11.77 11.48
N PHE B 185 -3.77 -10.87 12.25
CA PHE B 185 -3.44 -9.46 12.08
C PHE B 185 -3.12 -8.74 13.39
N PHE B 186 -3.44 -9.41 14.49
CA PHE B 186 -3.11 -8.92 15.82
C PHE B 186 -1.99 -9.92 16.12
N LYS B 187 -0.76 -9.43 16.22
CA LYS B 187 0.42 -10.27 16.44
C LYS B 187 1.53 -9.31 16.89
N THR B 188 1.28 -8.66 18.02
CA THR B 188 2.19 -7.72 18.61
C THR B 188 3.59 -8.29 18.81
N SER B 189 4.60 -7.51 18.40
CA SER B 189 6.01 -7.86 18.49
C SER B 189 6.52 -7.88 19.94
N GLY B 190 7.00 -9.04 20.35
CA GLY B 190 7.49 -9.19 21.70
C GLY B 190 8.70 -8.33 21.95
N LYS B 191 9.73 -8.58 21.16
CA LYS B 191 10.98 -7.86 21.27
C LYS B 191 10.91 -6.40 20.83
N MET B 192 9.87 -6.01 20.13
CA MET B 192 9.80 -4.62 19.68
C MET B 192 9.02 -3.66 20.58
N GLY B 193 8.25 -4.21 21.49
CA GLY B 193 7.48 -3.36 22.38
C GLY B 193 6.06 -3.29 21.89
N PRO B 194 5.15 -2.69 22.68
CA PRO B 194 3.75 -2.59 22.26
C PRO B 194 3.71 -1.62 21.11
N GLY B 195 2.69 -1.75 20.27
CA GLY B 195 2.59 -0.82 19.15
C GLY B 195 3.38 -1.24 17.93
N PHE B 196 4.01 -2.41 18.02
CA PHE B 196 4.78 -2.99 16.94
C PHE B 196 4.15 -4.33 16.68
N THR B 197 4.03 -4.72 15.41
CA THR B 197 3.41 -5.98 15.05
C THR B 197 4.30 -6.78 14.11
N LYS B 198 4.20 -8.08 14.23
CA LYS B 198 4.98 -8.98 13.40
C LYS B 198 4.24 -9.32 12.13
N ALA B 199 2.94 -9.10 12.13
CA ALA B 199 2.09 -9.42 10.98
C ALA B 199 2.09 -8.25 10.05
N LEU B 200 3.05 -8.22 9.14
CA LEU B 200 3.17 -7.11 8.22
C LEU B 200 2.13 -7.01 7.13
N GLY B 201 1.17 -7.93 7.16
CA GLY B 201 0.10 -7.96 6.18
C GLY B 201 -0.99 -6.97 6.50
N HIS B 202 -1.20 -6.73 7.79
CA HIS B 202 -2.21 -5.79 8.26
C HIS B 202 -3.60 -6.12 7.82
N GLY B 203 -3.87 -7.39 7.55
CA GLY B 203 -5.21 -7.73 7.10
C GLY B 203 -5.42 -9.21 6.88
N VAL B 204 -6.29 -9.57 5.94
CA VAL B 204 -6.50 -10.99 5.74
C VAL B 204 -5.58 -11.56 4.66
N ASP B 205 -4.33 -11.83 5.03
CA ASP B 205 -3.39 -12.42 4.07
C ASP B 205 -3.28 -13.91 4.33
N LEU B 206 -4.10 -14.39 5.25
CA LEU B 206 -4.12 -15.78 5.63
C LEU B 206 -2.73 -16.23 6.09
N GLY B 207 -2.00 -15.26 6.60
CA GLY B 207 -0.66 -15.53 7.07
C GLY B 207 -0.52 -16.47 8.25
N HIS B 208 -1.62 -16.76 8.94
CA HIS B 208 -1.49 -17.68 10.06
C HIS B 208 -1.50 -19.11 9.57
N ILE B 209 -1.73 -19.28 8.26
CA ILE B 209 -1.79 -20.60 7.64
C ILE B 209 -0.51 -20.83 6.86
N TYR B 210 -0.10 -19.82 6.11
CA TYR B 210 1.08 -19.92 5.27
C TYR B 210 2.37 -19.40 5.85
N GLY B 211 2.30 -18.78 7.02
CA GLY B 211 3.48 -18.23 7.66
C GLY B 211 3.58 -16.72 7.44
N ASP B 212 4.08 -16.00 8.46
CA ASP B 212 4.20 -14.54 8.37
C ASP B 212 5.43 -14.02 7.65
N ASN B 213 6.22 -14.96 7.12
CA ASN B 213 7.42 -14.62 6.37
C ASN B 213 7.75 -15.72 5.39
N LEU B 214 8.26 -15.31 4.25
CA LEU B 214 8.57 -16.22 3.17
C LEU B 214 9.28 -17.50 3.53
N GLU B 215 10.30 -17.41 4.36
CA GLU B 215 11.06 -18.60 4.70
C GLU B 215 10.12 -19.63 5.32
N ARG B 216 9.38 -19.16 6.33
CA ARG B 216 8.43 -19.97 7.08
C ARG B 216 7.37 -20.59 6.15
N GLN B 217 7.02 -19.90 5.08
CA GLN B 217 6.05 -20.44 4.15
C GLN B 217 6.68 -21.63 3.48
N TYR B 218 7.83 -21.39 2.88
CA TYR B 218 8.57 -22.42 2.19
C TYR B 218 8.75 -23.64 3.06
N GLN B 219 8.80 -23.43 4.37
CA GLN B 219 8.94 -24.54 5.31
C GLN B 219 7.68 -25.39 5.36
N LEU B 220 6.52 -24.75 5.47
CA LEU B 220 5.27 -25.45 5.54
C LEU B 220 4.82 -25.97 4.20
N ARG B 221 5.52 -25.57 3.14
CA ARG B 221 5.17 -25.98 1.80
C ARG B 221 5.67 -27.35 1.41
N LEU B 222 4.83 -28.06 0.66
CA LEU B 222 5.18 -29.39 0.21
C LEU B 222 5.95 -29.34 -1.11
N PHE B 223 5.64 -28.33 -1.93
CA PHE B 223 6.26 -28.15 -3.25
C PHE B 223 5.91 -29.26 -4.21
N LYS B 224 4.63 -29.65 -4.22
CA LYS B 224 4.12 -30.71 -5.07
C LYS B 224 2.63 -30.38 -5.22
N ASP B 225 2.15 -30.19 -6.45
CA ASP B 225 0.75 -29.86 -6.68
C ASP B 225 0.23 -28.63 -5.94
N GLY B 226 1.15 -27.83 -5.42
CA GLY B 226 0.79 -26.63 -4.68
C GLY B 226 0.31 -26.90 -3.28
N LYS B 227 0.59 -28.09 -2.80
CA LYS B 227 0.15 -28.46 -1.46
C LYS B 227 1.02 -28.01 -0.28
N LEU B 228 0.40 -28.08 0.88
CA LEU B 228 1.01 -27.73 2.13
C LEU B 228 1.36 -29.09 2.74
N LYS B 229 2.54 -29.19 3.36
CA LYS B 229 2.97 -30.43 3.99
C LYS B 229 1.94 -30.80 5.01
N TYR B 230 1.82 -32.09 5.29
CA TYR B 230 0.88 -32.53 6.30
C TYR B 230 1.34 -33.91 6.75
N GLN B 231 0.55 -34.56 7.61
CA GLN B 231 0.86 -35.90 8.11
C GLN B 231 -0.41 -36.64 8.35
N MET B 232 -0.31 -37.97 8.41
CA MET B 232 -1.46 -38.82 8.64
C MET B 232 -1.39 -39.44 10.02
N LEU B 233 -2.50 -39.37 10.73
CA LEU B 233 -2.64 -39.94 12.07
C LEU B 233 -4.01 -40.54 12.00
N ASN B 234 -4.13 -41.81 12.36
CA ASN B 234 -5.42 -42.48 12.32
C ASN B 234 -6.00 -42.32 10.92
N GLY B 235 -5.10 -42.35 9.94
CA GLY B 235 -5.50 -42.19 8.57
C GLY B 235 -6.27 -40.91 8.30
N GLU B 236 -5.94 -39.87 9.05
CA GLU B 236 -6.58 -38.57 8.88
C GLU B 236 -5.47 -37.54 8.79
N VAL B 237 -5.75 -36.46 8.07
CA VAL B 237 -4.77 -35.39 7.83
C VAL B 237 -4.65 -34.33 8.90
N TYR B 238 -3.44 -34.10 9.39
CA TYR B 238 -3.20 -33.08 10.40
C TYR B 238 -1.98 -32.31 9.94
N PRO B 239 -1.67 -31.19 10.56
CA PRO B 239 -0.48 -30.48 10.11
C PRO B 239 0.74 -31.39 10.26
N PRO B 240 1.89 -31.00 9.73
CA PRO B 240 3.08 -31.82 9.85
C PRO B 240 3.69 -31.65 11.23
N SER B 241 4.74 -32.44 11.50
CA SER B 241 5.42 -32.34 12.79
C SER B 241 6.53 -31.32 12.66
N VAL B 242 6.88 -30.66 13.75
CA VAL B 242 7.94 -29.68 13.74
C VAL B 242 9.22 -30.36 13.25
N GLU B 243 9.24 -31.68 13.39
CA GLU B 243 10.38 -32.44 12.93
C GLU B 243 10.38 -32.39 11.41
N GLU B 244 9.24 -32.77 10.84
CA GLU B 244 9.02 -32.81 9.39
C GLU B 244 9.26 -31.45 8.74
N ALA B 245 8.52 -30.45 9.22
CA ALA B 245 8.59 -29.08 8.75
C ALA B 245 9.11 -28.23 9.91
N PRO B 246 10.44 -28.10 10.03
CA PRO B 246 11.19 -27.35 11.05
C PRO B 246 10.99 -25.85 11.04
N VAL B 247 9.86 -25.48 11.58
CA VAL B 247 9.44 -24.10 11.67
C VAL B 247 9.46 -23.77 13.18
N LEU B 248 9.43 -22.49 13.56
CA LEU B 248 9.42 -22.16 15.00
C LEU B 248 8.01 -22.14 15.58
N MET B 249 7.84 -22.85 16.69
CA MET B 249 6.55 -22.93 17.36
C MET B 249 6.71 -22.63 18.84
N HIS B 250 5.60 -22.40 19.52
CA HIS B 250 5.67 -22.12 20.96
C HIS B 250 4.96 -23.22 21.72
N TYR B 251 5.75 -24.13 22.27
CA TYR B 251 5.26 -25.27 23.08
C TYR B 251 6.08 -25.26 24.34
N PRO B 252 5.45 -25.44 25.50
CA PRO B 252 6.20 -25.46 26.76
C PRO B 252 7.39 -26.40 26.62
N ARG B 253 8.53 -25.99 27.19
CA ARG B 253 9.76 -26.77 27.09
C ARG B 253 9.54 -28.15 27.66
N GLY B 254 9.90 -29.17 26.88
CA GLY B 254 9.70 -30.52 27.34
C GLY B 254 8.83 -31.25 26.34
N ILE B 255 8.14 -30.48 25.50
CA ILE B 255 7.33 -31.09 24.46
C ILE B 255 8.32 -31.21 23.32
N PRO B 256 8.43 -32.43 22.75
CA PRO B 256 9.34 -32.73 21.64
C PRO B 256 8.81 -32.37 20.26
N PRO B 257 9.73 -32.08 19.33
CA PRO B 257 9.41 -31.71 17.95
C PRO B 257 8.42 -32.69 17.38
N GLN B 258 8.74 -33.97 17.53
CA GLN B 258 7.91 -35.05 17.03
C GLN B 258 6.50 -34.98 17.57
N SER B 259 6.32 -34.22 18.64
CA SER B 259 4.99 -34.09 19.21
C SER B 259 4.39 -32.72 19.04
N GLN B 260 5.02 -31.89 18.22
CA GLN B 260 4.55 -30.53 17.96
C GLN B 260 4.11 -30.35 16.51
N MET B 261 3.00 -29.64 16.29
CA MET B 261 2.52 -29.42 14.93
C MET B 261 3.02 -28.08 14.41
N ALA B 262 3.62 -28.12 13.23
CA ALA B 262 4.16 -26.92 12.59
C ALA B 262 2.98 -26.28 11.87
N VAL B 263 2.75 -24.99 12.05
CA VAL B 263 1.57 -24.44 11.39
C VAL B 263 1.53 -23.08 10.70
N GLY B 264 2.29 -22.09 11.15
CA GLY B 264 2.18 -20.82 10.46
C GLY B 264 2.02 -19.71 11.47
N GLN B 265 1.22 -20.00 12.51
CA GLN B 265 0.97 -19.08 13.64
C GLN B 265 1.55 -19.73 14.90
N GLU B 266 2.85 -19.55 15.12
CA GLU B 266 3.59 -20.11 16.25
C GLU B 266 2.77 -20.42 17.51
N VAL B 267 1.99 -19.43 17.93
CA VAL B 267 1.18 -19.51 19.14
C VAL B 267 0.06 -20.53 19.07
N PHE B 268 -0.61 -20.63 17.94
CA PHE B 268 -1.73 -21.56 17.76
C PHE B 268 -1.48 -22.94 18.31
N GLY B 269 -0.20 -23.25 18.54
CA GLY B 269 0.14 -24.55 19.06
C GLY B 269 -0.45 -24.92 20.42
N LEU B 270 -1.03 -23.97 21.15
CA LEU B 270 -1.54 -24.29 22.48
C LEU B 270 -2.97 -24.00 22.77
N LEU B 271 -3.81 -24.86 22.25
CA LEU B 271 -5.25 -24.76 22.39
C LEU B 271 -5.87 -25.53 21.25
N PRO B 272 -6.30 -26.75 21.50
CA PRO B 272 -6.93 -27.58 20.47
C PRO B 272 -7.93 -26.78 19.62
N GLY B 273 -8.57 -25.78 20.23
CA GLY B 273 -9.49 -24.95 19.47
C GLY B 273 -8.78 -24.37 18.26
N LEU B 274 -7.65 -23.71 18.47
CA LEU B 274 -6.88 -23.12 17.38
C LEU B 274 -6.42 -24.18 16.40
N MET B 275 -5.65 -25.14 16.88
CA MET B 275 -5.17 -26.19 16.01
C MET B 275 -6.31 -26.90 15.24
N LEU B 276 -7.53 -26.91 15.81
CA LEU B 276 -8.68 -27.54 15.16
C LEU B 276 -8.93 -26.81 13.85
N TYR B 277 -9.11 -25.51 13.93
CA TYR B 277 -9.36 -24.74 12.75
C TYR B 277 -8.16 -24.78 11.82
N ALA B 278 -6.96 -24.71 12.38
CA ALA B 278 -5.75 -24.73 11.57
C ALA B 278 -5.68 -25.99 10.71
N THR B 279 -6.23 -27.08 11.25
CA THR B 279 -6.28 -28.33 10.50
C THR B 279 -7.32 -28.23 9.38
N ILE B 280 -8.51 -27.70 9.68
CA ILE B 280 -9.56 -27.55 8.66
C ILE B 280 -9.01 -26.74 7.49
N TRP B 281 -8.54 -25.53 7.76
CA TRP B 281 -8.01 -24.69 6.69
C TRP B 281 -6.86 -25.31 5.95
N LEU B 282 -6.02 -26.13 6.59
CA LEU B 282 -4.91 -26.75 5.86
C LEU B 282 -5.56 -27.71 4.90
N ARG B 283 -6.42 -28.56 5.46
CA ARG B 283 -7.12 -29.56 4.67
C ARG B 283 -7.73 -28.91 3.45
N GLU B 284 -8.36 -27.76 3.66
CA GLU B 284 -8.98 -27.01 2.58
C GLU B 284 -7.99 -26.62 1.50
N HIS B 285 -6.95 -25.88 1.85
CA HIS B 285 -5.94 -25.47 0.87
C HIS B 285 -5.46 -26.66 0.05
N ASN B 286 -5.28 -27.80 0.68
CA ASN B 286 -4.81 -28.93 -0.09
C ASN B 286 -5.87 -29.39 -1.08
N ARG B 287 -7.12 -29.42 -0.65
CA ARG B 287 -8.21 -29.84 -1.54
C ARG B 287 -8.36 -28.93 -2.75
N VAL B 288 -8.29 -27.63 -2.53
CA VAL B 288 -8.43 -26.68 -3.62
C VAL B 288 -7.29 -26.95 -4.60
N CYS B 289 -6.09 -27.22 -4.11
CA CYS B 289 -5.00 -27.50 -5.04
C CYS B 289 -5.36 -28.60 -6.00
N ASP B 290 -5.95 -29.67 -5.48
CA ASP B 290 -6.36 -30.78 -6.35
C ASP B 290 -7.32 -30.34 -7.45
N LEU B 291 -8.23 -29.43 -7.12
CA LEU B 291 -9.19 -28.93 -8.10
C LEU B 291 -8.45 -28.20 -9.18
N LEU B 292 -7.65 -27.24 -8.75
CA LEU B 292 -6.88 -26.45 -9.67
C LEU B 292 -6.08 -27.33 -10.62
N LYS B 293 -5.46 -28.36 -10.08
CA LYS B 293 -4.65 -29.27 -10.87
C LYS B 293 -5.47 -29.95 -11.97
N ALA B 294 -6.74 -30.24 -11.69
CA ALA B 294 -7.58 -30.86 -12.69
C ALA B 294 -7.66 -29.92 -13.88
N GLU B 295 -8.16 -28.72 -13.64
CA GLU B 295 -8.28 -27.71 -14.69
C GLU B 295 -6.95 -27.38 -15.29
N HIS B 296 -5.95 -27.18 -14.46
CA HIS B 296 -4.69 -26.77 -15.02
C HIS B 296 -3.60 -27.80 -14.88
N PRO B 297 -3.65 -28.82 -15.73
CA PRO B 297 -2.65 -29.89 -15.70
C PRO B 297 -1.28 -29.31 -15.97
N THR B 298 -1.28 -28.26 -16.79
CA THR B 298 -0.11 -27.54 -17.22
C THR B 298 0.49 -26.65 -16.15
N TRP B 299 -0.17 -26.57 -15.00
CA TRP B 299 0.27 -25.70 -13.92
C TRP B 299 1.40 -26.20 -13.08
N GLY B 300 2.13 -25.24 -12.53
CA GLY B 300 3.26 -25.53 -11.68
C GLY B 300 2.92 -25.35 -10.22
N ASP B 301 3.84 -25.75 -9.35
CA ASP B 301 3.66 -25.66 -7.91
C ASP B 301 3.18 -24.27 -7.55
N GLU B 302 4.10 -23.32 -7.54
CA GLU B 302 3.75 -21.93 -7.22
C GLU B 302 2.40 -21.48 -7.80
N GLN B 303 2.25 -21.55 -9.11
CA GLN B 303 1.01 -21.16 -9.77
C GLN B 303 -0.17 -21.77 -8.98
N LEU B 304 -0.07 -23.05 -8.67
CA LEU B 304 -1.12 -23.72 -7.93
C LEU B 304 -1.22 -23.14 -6.52
N PHE B 305 -0.10 -23.18 -5.78
CA PHE B 305 -0.04 -22.65 -4.41
C PHE B 305 -0.63 -21.26 -4.33
N GLN B 306 0.04 -20.32 -4.97
CA GLN B 306 -0.39 -18.93 -5.05
C GLN B 306 -1.88 -18.80 -5.35
N THR B 307 -2.36 -19.53 -6.34
CA THR B 307 -3.76 -19.46 -6.70
C THR B 307 -4.65 -19.98 -5.58
N ALA B 308 -4.24 -21.07 -4.93
CA ALA B 308 -5.02 -21.62 -3.84
C ALA B 308 -5.19 -20.59 -2.72
N ARG B 309 -4.08 -19.96 -2.35
CA ARG B 309 -4.11 -18.95 -1.31
C ARG B 309 -5.06 -17.81 -1.64
N LEU B 310 -5.13 -17.43 -2.92
CA LEU B 310 -6.04 -16.37 -3.33
C LEU B 310 -7.49 -16.83 -3.10
N ILE B 311 -7.76 -18.08 -3.40
CA ILE B 311 -9.11 -18.62 -3.24
C ILE B 311 -9.51 -18.66 -1.77
N LEU B 312 -8.63 -19.19 -0.91
CA LEU B 312 -8.95 -19.26 0.52
C LEU B 312 -9.19 -17.87 1.10
N ILE B 313 -8.36 -16.90 0.72
CA ILE B 313 -8.56 -15.56 1.20
C ILE B 313 -10.00 -15.20 0.84
N GLY B 314 -10.43 -15.59 -0.35
CA GLY B 314 -11.80 -15.34 -0.77
C GLY B 314 -12.79 -16.03 0.15
N GLU B 315 -12.58 -17.32 0.39
CA GLU B 315 -13.46 -18.08 1.27
C GLU B 315 -13.54 -17.40 2.62
N THR B 316 -12.38 -17.19 3.23
CA THR B 316 -12.29 -16.53 4.51
C THR B 316 -13.11 -15.23 4.60
N ILE B 317 -12.96 -14.33 3.64
CA ILE B 317 -13.72 -13.06 3.69
C ILE B 317 -15.21 -13.28 3.56
N LYS B 318 -15.62 -14.32 2.85
CA LYS B 318 -17.06 -14.57 2.72
C LYS B 318 -17.65 -15.09 4.02
N ILE B 319 -17.05 -16.15 4.54
CA ILE B 319 -17.51 -16.73 5.79
C ILE B 319 -17.48 -15.64 6.84
N VAL B 320 -16.43 -14.83 6.85
CA VAL B 320 -16.37 -13.80 7.85
C VAL B 320 -17.55 -12.79 7.82
N ILE B 321 -17.95 -12.35 6.63
CA ILE B 321 -19.05 -11.36 6.48
C ILE B 321 -20.46 -11.93 6.58
N GLU B 322 -20.74 -12.90 5.73
CA GLU B 322 -22.07 -13.45 5.69
C GLU B 322 -22.50 -14.39 6.82
N GLU B 323 -21.55 -15.10 7.43
CA GLU B 323 -21.89 -15.99 8.54
C GLU B 323 -21.45 -15.38 9.87
N TYR B 324 -20.15 -15.14 10.01
CA TYR B 324 -19.60 -14.57 11.23
C TYR B 324 -20.21 -13.24 11.64
N VAL B 325 -19.94 -12.18 10.88
CA VAL B 325 -20.47 -10.85 11.20
C VAL B 325 -21.99 -10.85 11.34
N GLN B 326 -22.64 -11.71 10.56
CA GLN B 326 -24.09 -11.82 10.64
C GLN B 326 -24.47 -12.16 12.08
N GLN B 327 -23.98 -13.32 12.53
CA GLN B 327 -24.22 -13.84 13.89
C GLN B 327 -23.93 -12.80 14.97
N LEU B 328 -22.71 -12.30 14.92
CA LEU B 328 -22.24 -11.33 15.85
C LEU B 328 -23.14 -10.09 15.84
N SER B 329 -23.73 -9.74 14.70
CA SER B 329 -24.56 -8.52 14.67
C SER B 329 -26.03 -8.74 15.00
N GLY B 330 -26.51 -9.94 14.72
CA GLY B 330 -27.91 -10.25 14.98
C GLY B 330 -28.85 -9.49 14.08
N TYR B 331 -28.29 -8.87 13.05
CA TYR B 331 -29.10 -8.11 12.11
C TYR B 331 -30.03 -9.06 11.36
N PHE B 332 -31.15 -8.51 10.89
CA PHE B 332 -32.13 -9.26 10.12
C PHE B 332 -31.88 -9.05 8.65
N LEU B 333 -31.14 -8.01 8.35
CA LEU B 333 -30.75 -7.71 6.99
C LEU B 333 -29.69 -8.77 6.75
N GLN B 334 -29.73 -9.40 5.60
CA GLN B 334 -28.75 -10.45 5.30
C GLN B 334 -27.51 -9.79 4.68
N LEU B 335 -26.43 -9.72 5.45
CA LEU B 335 -25.20 -9.11 4.97
C LEU B 335 -24.74 -9.86 3.72
N LYS B 336 -24.01 -9.18 2.84
CA LYS B 336 -23.57 -9.80 1.60
C LYS B 336 -22.16 -9.40 1.21
N PHE B 337 -21.40 -10.38 0.72
CA PHE B 337 -20.03 -10.13 0.27
C PHE B 337 -20.05 -10.04 -1.23
N ASP B 338 -19.91 -8.83 -1.74
CA ASP B 338 -19.93 -8.63 -3.17
C ASP B 338 -19.08 -7.41 -3.42
N PRO B 339 -17.77 -7.61 -3.61
CA PRO B 339 -16.88 -6.48 -3.84
C PRO B 339 -17.27 -5.52 -4.96
N GLU B 340 -18.31 -5.86 -5.73
CA GLU B 340 -18.75 -4.99 -6.79
C GLU B 340 -19.64 -3.87 -6.25
N LEU B 341 -20.22 -4.06 -5.06
CA LEU B 341 -21.08 -3.01 -4.49
C LEU B 341 -20.24 -1.78 -4.23
N LEU B 342 -18.94 -1.96 -4.30
CA LEU B 342 -18.02 -0.86 -4.09
C LEU B 342 -17.40 -0.31 -5.35
N PHE B 343 -17.55 -1.00 -6.49
CA PHE B 343 -16.93 -0.51 -7.73
C PHE B 343 -17.37 0.88 -8.10
N GLY B 344 -18.42 1.39 -7.46
CA GLY B 344 -18.85 2.73 -7.75
C GLY B 344 -18.27 3.77 -6.78
N ALA B 345 -18.01 3.36 -5.55
CA ALA B 345 -17.50 4.25 -4.51
C ALA B 345 -16.08 4.62 -4.69
N GLN B 346 -15.65 5.58 -3.89
CA GLN B 346 -14.26 6.00 -3.87
C GLN B 346 -13.80 5.28 -2.61
N PHE B 347 -13.22 4.10 -2.78
CA PHE B 347 -12.75 3.27 -1.68
C PHE B 347 -11.27 3.08 -1.96
N GLN B 348 -10.45 2.87 -0.94
CA GLN B 348 -9.04 2.64 -1.16
C GLN B 348 -8.79 1.20 -0.76
N TYR B 349 -8.34 0.38 -1.69
CA TYR B 349 -8.13 -1.01 -1.37
C TYR B 349 -6.80 -1.24 -0.65
N ARG B 350 -6.71 -0.78 0.58
CA ARG B 350 -5.50 -0.92 1.40
C ARG B 350 -6.03 -0.87 2.85
N ASN B 351 -5.34 -1.55 3.79
CA ASN B 351 -5.70 -1.57 5.22
C ASN B 351 -4.50 -1.66 6.15
N ARG B 352 -4.52 -0.96 7.29
CA ARG B 352 -3.42 -1.00 8.27
C ARG B 352 -3.99 -1.13 9.71
N ILE B 353 -3.57 -2.19 10.42
CA ILE B 353 -4.08 -2.48 11.77
C ILE B 353 -3.89 -1.45 12.87
N ALA B 354 -5.01 -1.02 13.39
CA ALA B 354 -5.06 -0.01 14.44
C ALA B 354 -4.85 -0.59 15.84
N MET B 355 -3.97 0.05 16.63
CA MET B 355 -3.72 -0.42 17.99
C MET B 355 -5.04 -0.44 18.74
N GLU B 356 -5.91 0.54 18.48
CA GLU B 356 -7.22 0.62 19.14
C GLU B 356 -8.09 -0.56 18.80
N PHE B 357 -8.01 -0.96 17.55
CA PHE B 357 -8.78 -2.08 17.05
C PHE B 357 -8.30 -3.38 17.65
N ASN B 358 -7.05 -3.41 18.08
CA ASN B 358 -6.51 -4.60 18.71
C ASN B 358 -7.08 -4.73 20.12
N GLN B 359 -7.06 -3.64 20.89
CA GLN B 359 -7.61 -3.60 22.24
C GLN B 359 -9.03 -4.12 22.15
N LEU B 360 -9.86 -3.37 21.43
CA LEU B 360 -11.27 -3.68 21.18
C LEU B 360 -11.56 -5.15 20.90
N TYR B 361 -10.66 -5.83 20.19
CA TYR B 361 -10.89 -7.22 19.89
C TYR B 361 -10.44 -8.19 20.97
N HIS B 362 -10.27 -7.71 22.21
CA HIS B 362 -9.88 -8.60 23.31
C HIS B 362 -11.15 -9.11 24.00
N TRP B 363 -11.87 -9.97 23.25
CA TRP B 363 -13.14 -10.61 23.64
C TRP B 363 -12.97 -11.88 24.50
N HIS B 364 -12.05 -11.84 25.44
CA HIS B 364 -11.78 -12.97 26.31
C HIS B 364 -12.99 -13.49 27.08
N PRO B 365 -13.95 -12.60 27.35
CA PRO B 365 -15.13 -13.08 28.06
C PRO B 365 -15.93 -14.17 27.31
N LEU B 366 -15.60 -14.43 26.05
CA LEU B 366 -16.32 -15.47 25.31
C LEU B 366 -16.01 -16.83 25.95
N MET B 367 -14.73 -17.01 26.30
CA MET B 367 -14.24 -18.26 26.89
C MET B 367 -15.05 -18.71 28.09
N PRO B 368 -15.54 -19.97 28.06
CA PRO B 368 -16.35 -20.68 29.06
C PRO B 368 -15.65 -21.00 30.36
N ASP B 369 -16.38 -21.64 31.28
CA ASP B 369 -15.80 -21.99 32.56
C ASP B 369 -15.03 -23.30 32.48
N SER B 370 -15.51 -24.18 31.62
CA SER B 370 -14.94 -25.51 31.40
C SER B 370 -15.28 -25.94 29.99
N PHE B 371 -14.43 -26.71 29.35
CA PHE B 371 -14.67 -27.15 27.99
C PHE B 371 -15.28 -28.53 27.89
N ARG B 372 -16.58 -28.58 27.60
CA ARG B 372 -17.28 -29.85 27.51
C ARG B 372 -17.23 -30.48 26.12
N VAL B 373 -16.54 -31.62 26.05
CA VAL B 373 -16.39 -32.39 24.82
C VAL B 373 -17.24 -33.63 25.01
N GLY B 374 -18.55 -33.44 24.97
CA GLY B 374 -19.50 -34.53 25.14
C GLY B 374 -19.77 -34.80 26.60
N PRO B 375 -19.67 -36.06 27.03
CA PRO B 375 -19.91 -36.42 28.43
C PRO B 375 -18.74 -35.88 29.25
N GLN B 376 -17.62 -35.74 28.56
CA GLN B 376 -16.38 -35.24 29.11
C GLN B 376 -16.39 -33.75 29.31
N ASP B 377 -16.01 -33.31 30.49
CA ASP B 377 -15.97 -31.88 30.71
C ASP B 377 -14.54 -31.57 31.13
N TYR B 378 -13.76 -30.97 30.23
CA TYR B 378 -12.38 -30.64 30.53
C TYR B 378 -12.17 -29.27 31.15
N SER B 379 -11.09 -29.17 31.93
CA SER B 379 -10.72 -27.94 32.61
C SER B 379 -9.73 -27.15 31.78
N TYR B 380 -9.48 -25.90 32.15
CA TYR B 380 -8.49 -25.13 31.41
C TYR B 380 -7.19 -25.88 31.56
N GLU B 381 -7.03 -26.50 32.72
CA GLU B 381 -5.84 -27.28 33.03
C GLU B 381 -5.70 -28.51 32.13
N GLN B 382 -6.77 -28.90 31.47
CA GLN B 382 -6.68 -30.04 30.60
C GLN B 382 -6.76 -29.60 29.15
N PHE B 383 -7.23 -28.37 28.94
CA PHE B 383 -7.35 -27.82 27.59
C PHE B 383 -6.08 -27.10 27.17
N LEU B 384 -5.72 -26.08 27.92
CA LEU B 384 -4.58 -25.22 27.61
C LEU B 384 -3.32 -25.67 26.90
N PHE B 385 -2.89 -26.93 26.99
CA PHE B 385 -1.71 -27.30 26.19
C PHE B 385 -1.77 -28.71 25.66
N ASN B 386 -2.92 -29.34 25.89
CA ASN B 386 -3.20 -30.72 25.50
C ASN B 386 -2.84 -31.03 24.04
N THR B 387 -1.64 -31.58 23.85
CA THR B 387 -1.17 -31.92 22.52
C THR B 387 -1.81 -33.15 21.91
N SER B 388 -2.90 -33.64 22.49
CA SER B 388 -3.53 -34.82 21.93
C SER B 388 -5.05 -34.75 21.70
N MET B 389 -5.74 -33.88 22.43
CA MET B 389 -7.19 -33.77 22.30
C MET B 389 -7.73 -33.76 20.86
N LEU B 390 -7.02 -33.06 19.97
CA LEU B 390 -7.42 -32.95 18.59
C LEU B 390 -7.35 -34.28 17.89
N VAL B 391 -6.15 -34.86 17.86
CA VAL B 391 -5.92 -36.15 17.22
C VAL B 391 -6.80 -37.21 17.85
N ASP B 392 -6.89 -37.14 19.17
CA ASP B 392 -7.68 -38.07 19.96
C ASP B 392 -9.11 -38.09 19.49
N TYR B 393 -9.75 -36.94 19.65
CA TYR B 393 -11.15 -36.78 19.29
C TYR B 393 -11.46 -36.76 17.80
N GLY B 394 -10.73 -35.93 17.07
CA GLY B 394 -10.93 -35.81 15.65
C GLY B 394 -11.68 -34.52 15.35
N VAL B 395 -11.43 -33.98 14.17
CA VAL B 395 -12.05 -32.73 13.73
C VAL B 395 -13.54 -32.70 13.95
N GLU B 396 -14.25 -33.59 13.26
CA GLU B 396 -15.71 -33.68 13.35
C GLU B 396 -16.21 -33.59 14.79
N ALA B 397 -15.64 -34.43 15.66
CA ALA B 397 -16.02 -34.48 17.07
C ALA B 397 -15.95 -33.12 17.77
N LEU B 398 -14.75 -32.58 17.81
CA LEU B 398 -14.53 -31.32 18.46
C LEU B 398 -15.37 -30.21 17.86
N VAL B 399 -15.58 -30.30 16.55
CA VAL B 399 -16.36 -29.29 15.90
C VAL B 399 -17.77 -29.31 16.48
N ASP B 400 -18.37 -30.49 16.52
CA ASP B 400 -19.72 -30.66 17.05
C ASP B 400 -19.81 -30.09 18.46
N ALA B 401 -18.82 -30.43 19.27
CA ALA B 401 -18.77 -29.96 20.67
C ALA B 401 -18.78 -28.44 20.76
N PHE B 402 -17.77 -27.82 20.15
CA PHE B 402 -17.62 -26.37 20.17
C PHE B 402 -18.88 -25.68 19.59
N SER B 403 -19.52 -26.36 18.64
CA SER B 403 -20.71 -25.84 18.00
C SER B 403 -21.89 -25.87 18.93
N ARG B 404 -21.81 -26.70 19.95
CA ARG B 404 -22.91 -26.80 20.89
C ARG B 404 -22.79 -26.00 22.17
N GLN B 405 -21.59 -25.86 22.70
CA GLN B 405 -21.41 -25.10 23.93
C GLN B 405 -21.44 -23.61 23.70
N PRO B 406 -22.13 -22.86 24.57
CA PRO B 406 -22.25 -21.41 24.44
C PRO B 406 -21.07 -20.71 25.02
N ALA B 407 -20.80 -19.53 24.48
CA ALA B 407 -19.72 -18.67 24.92
C ALA B 407 -20.38 -17.56 25.72
N GLY B 408 -19.62 -16.94 26.60
CA GLY B 408 -20.17 -15.90 27.45
C GLY B 408 -20.44 -14.58 26.79
N ARG B 409 -21.23 -13.76 27.47
CA ARG B 409 -21.56 -12.42 26.98
C ARG B 409 -20.24 -11.65 26.98
N ILE B 410 -20.01 -10.85 25.96
CA ILE B 410 -18.76 -10.11 25.84
C ILE B 410 -18.83 -8.85 26.65
N GLY B 411 -19.79 -8.01 26.34
CA GLY B 411 -19.92 -6.77 27.08
C GLY B 411 -20.72 -7.12 28.31
N GLY B 412 -20.89 -6.16 29.21
CA GLY B 412 -21.68 -6.44 30.40
C GLY B 412 -20.93 -6.29 31.71
N GLY B 413 -19.75 -6.92 31.78
CA GLY B 413 -18.95 -6.82 32.98
C GLY B 413 -18.90 -8.12 33.78
N ARG B 414 -17.82 -8.24 34.56
CA ARG B 414 -17.54 -9.37 35.43
C ARG B 414 -17.83 -10.72 34.78
N ASN B 415 -17.37 -10.90 33.55
CA ASN B 415 -17.61 -12.16 32.87
C ASN B 415 -16.36 -12.80 32.24
N ILE B 416 -15.17 -12.40 32.71
CA ILE B 416 -13.92 -12.96 32.21
C ILE B 416 -13.44 -14.04 33.15
N ASP B 417 -13.35 -15.29 32.67
CA ASP B 417 -12.90 -16.41 33.53
C ASP B 417 -11.50 -16.13 34.09
N HIS B 418 -11.37 -16.35 35.39
CA HIS B 418 -10.12 -16.08 36.10
C HIS B 418 -8.85 -16.67 35.51
N HIS B 419 -8.96 -17.79 34.82
CA HIS B 419 -7.78 -18.41 34.21
C HIS B 419 -7.09 -17.44 33.25
N ILE B 420 -7.85 -16.60 32.56
CA ILE B 420 -7.23 -15.69 31.61
C ILE B 420 -7.40 -14.25 32.01
N LEU B 421 -7.83 -13.99 33.25
CA LEU B 421 -8.04 -12.62 33.70
C LEU B 421 -6.78 -11.76 33.57
N HIS B 422 -5.62 -12.38 33.70
CA HIS B 422 -4.40 -11.58 33.60
C HIS B 422 -4.33 -10.79 32.32
N VAL B 423 -4.75 -11.44 31.25
CA VAL B 423 -4.71 -10.85 29.93
C VAL B 423 -5.31 -9.45 29.99
N ALA B 424 -6.54 -9.35 30.50
CA ALA B 424 -7.22 -8.06 30.61
C ALA B 424 -6.45 -7.05 31.45
N VAL B 425 -5.75 -7.52 32.48
CA VAL B 425 -4.96 -6.62 33.33
C VAL B 425 -3.87 -6.04 32.47
N ASP B 426 -3.22 -6.90 31.71
CA ASP B 426 -2.16 -6.48 30.82
C ASP B 426 -2.69 -5.50 29.76
N VAL B 427 -3.90 -5.76 29.24
CA VAL B 427 -4.46 -4.87 28.24
C VAL B 427 -4.55 -3.48 28.80
N ILE B 428 -5.05 -3.35 30.02
CA ILE B 428 -5.16 -2.03 30.64
C ILE B 428 -3.79 -1.36 30.69
N LYS B 429 -2.80 -2.08 31.21
CA LYS B 429 -1.46 -1.52 31.34
C LYS B 429 -0.90 -1.07 30.01
N GLU B 430 -0.99 -1.96 29.03
CA GLU B 430 -0.47 -1.71 27.69
C GLU B 430 -1.07 -0.46 27.10
N SER B 431 -2.34 -0.27 27.38
CA SER B 431 -3.06 0.87 26.88
C SER B 431 -2.33 2.11 27.32
N ARG B 432 -2.08 2.17 28.60
CA ARG B 432 -1.42 3.32 29.18
C ARG B 432 -0.05 3.63 28.57
N VAL B 433 0.70 2.59 28.22
CA VAL B 433 2.02 2.76 27.61
C VAL B 433 1.81 3.44 26.27
N LEU B 434 0.72 3.05 25.60
CA LEU B 434 0.36 3.61 24.32
C LEU B 434 -0.21 4.99 24.51
N ARG B 435 -0.39 5.39 25.76
CA ARG B 435 -0.94 6.69 26.07
C ARG B 435 -2.26 6.87 25.29
N LEU B 436 -3.08 5.83 25.23
CA LEU B 436 -4.35 5.89 24.49
C LEU B 436 -5.28 6.96 25.07
N GLN B 437 -5.92 7.77 24.22
CA GLN B 437 -6.86 8.80 24.70
C GLN B 437 -8.08 8.17 25.43
N PRO B 438 -8.89 8.99 26.10
CA PRO B 438 -10.08 8.56 26.84
C PRO B 438 -11.27 8.01 26.04
N PHE B 439 -12.00 7.09 26.67
CA PHE B 439 -13.16 6.42 26.07
C PHE B 439 -14.08 7.47 25.47
N ASN B 440 -14.43 8.47 26.27
CA ASN B 440 -15.32 9.51 25.78
C ASN B 440 -14.85 10.21 24.47
N GLU B 441 -13.55 10.34 24.28
CA GLU B 441 -13.04 10.99 23.08
C GLU B 441 -13.33 10.07 21.92
N TYR B 442 -12.99 8.80 22.08
CA TYR B 442 -13.24 7.84 21.03
C TYR B 442 -14.74 7.80 20.76
N ARG B 443 -15.57 7.97 21.80
CA ARG B 443 -17.01 7.94 21.61
C ARG B 443 -17.36 8.96 20.55
N LYS B 444 -16.78 10.13 20.71
CA LYS B 444 -17.07 11.17 19.77
C LYS B 444 -16.53 10.82 18.39
N ARG B 445 -15.25 10.53 18.31
CA ARG B 445 -14.57 10.22 17.05
C ARG B 445 -15.27 9.24 16.16
N PHE B 446 -15.99 8.30 16.77
CA PHE B 446 -16.72 7.31 16.01
C PHE B 446 -18.21 7.63 15.88
N GLY B 447 -18.52 8.91 15.97
CA GLY B 447 -19.88 9.37 15.78
C GLY B 447 -20.78 9.49 16.99
N MET B 448 -20.36 8.98 18.13
CA MET B 448 -21.22 9.04 19.30
C MET B 448 -21.08 10.28 20.19
N LYS B 449 -22.05 10.44 21.09
CA LYS B 449 -22.04 11.54 22.01
C LYS B 449 -21.43 10.94 23.26
N PRO B 450 -20.57 11.69 23.96
CA PRO B 450 -19.91 11.18 25.16
C PRO B 450 -20.84 10.98 26.34
N TYR B 451 -20.49 10.01 27.18
CA TYR B 451 -21.26 9.71 28.37
C TYR B 451 -21.13 10.89 29.31
N THR B 452 -22.19 11.20 30.03
CA THR B 452 -22.17 12.31 30.96
C THR B 452 -22.04 11.88 32.41
N SER B 453 -22.02 10.58 32.65
CA SER B 453 -21.91 10.07 34.01
C SER B 453 -21.63 8.60 33.96
N PHE B 454 -21.05 8.07 35.02
CA PHE B 454 -20.76 6.66 35.03
C PHE B 454 -22.04 5.86 35.04
N GLN B 455 -23.08 6.45 35.63
CA GLN B 455 -24.38 5.79 35.73
C GLN B 455 -25.07 5.61 34.38
N GLU B 456 -24.70 6.48 33.43
CA GLU B 456 -25.26 6.44 32.08
C GLU B 456 -24.50 5.38 31.33
N LEU B 457 -23.19 5.30 31.54
CA LEU B 457 -22.36 4.32 30.85
C LEU B 457 -22.83 2.93 31.19
N THR B 458 -22.66 2.55 32.46
CA THR B 458 -23.11 1.25 32.94
C THR B 458 -24.60 1.48 33.04
N GLY B 459 -25.39 0.42 33.06
CA GLY B 459 -26.82 0.65 33.18
C GLY B 459 -27.29 0.91 34.60
N GLU B 460 -26.40 0.65 35.57
CA GLU B 460 -26.73 0.76 36.98
C GLU B 460 -26.11 1.86 37.78
N LYS B 461 -26.42 1.81 39.08
CA LYS B 461 -25.94 2.79 40.03
C LYS B 461 -24.82 2.32 40.87
N GLU B 462 -24.77 1.03 41.16
CA GLU B 462 -23.73 0.50 42.03
C GLU B 462 -22.29 0.66 41.53
N MET B 463 -21.83 -0.21 40.64
CA MET B 463 -20.46 -0.09 40.15
C MET B 463 -20.19 1.21 39.42
N ALA B 464 -21.25 1.86 38.94
CA ALA B 464 -21.10 3.15 38.25
C ALA B 464 -20.59 4.12 39.31
N ALA B 465 -21.02 3.90 40.53
CA ALA B 465 -20.64 4.72 41.65
C ALA B 465 -19.20 4.50 42.05
N GLU B 466 -18.74 3.26 41.95
CA GLU B 466 -17.37 2.96 42.32
C GLU B 466 -16.41 3.46 41.24
N LEU B 467 -16.77 3.23 40.00
CA LEU B 467 -15.94 3.67 38.88
C LEU B 467 -15.77 5.18 39.07
N GLU B 468 -16.85 5.83 39.49
CA GLU B 468 -16.79 7.25 39.72
C GLU B 468 -15.75 7.64 40.76
N GLU B 469 -15.72 6.94 41.88
CA GLU B 469 -14.73 7.29 42.90
C GLU B 469 -13.35 6.90 42.41
N LEU B 470 -13.28 5.83 41.61
CA LEU B 470 -12.01 5.35 41.09
C LEU B 470 -11.35 6.27 40.06
N TYR B 471 -12.08 6.54 38.97
CA TYR B 471 -11.60 7.37 37.86
C TYR B 471 -11.71 8.85 38.15
N GLY B 472 -12.84 9.23 38.70
CA GLY B 472 -13.03 10.62 39.02
C GLY B 472 -13.78 11.39 37.96
N ASP B 473 -13.78 10.92 36.73
CA ASP B 473 -14.50 11.66 35.71
C ASP B 473 -14.79 10.74 34.56
N ILE B 474 -16.00 10.81 34.04
CA ILE B 474 -16.33 9.94 32.93
C ILE B 474 -15.38 10.33 31.78
N ASP B 475 -14.98 11.59 31.84
CA ASP B 475 -14.07 12.11 30.86
C ASP B 475 -12.66 11.59 31.09
N ALA B 476 -12.51 10.62 31.97
CA ALA B 476 -11.22 10.02 32.26
C ALA B 476 -11.33 8.49 32.20
N LEU B 477 -12.54 7.99 31.92
CA LEU B 477 -12.76 6.55 31.82
C LEU B 477 -11.96 6.07 30.60
N GLU B 478 -11.08 5.08 30.81
CA GLU B 478 -10.23 4.53 29.75
C GLU B 478 -10.96 3.73 28.65
N PHE B 479 -10.29 3.57 27.51
CA PHE B 479 -10.81 2.86 26.34
C PHE B 479 -11.36 1.47 26.53
N TYR B 480 -10.49 0.53 26.89
CA TYR B 480 -10.93 -0.84 27.09
C TYR B 480 -11.98 -1.06 28.20
N PRO B 481 -11.74 -0.52 29.42
CA PRO B 481 -12.71 -0.71 30.50
C PRO B 481 -14.05 -0.10 30.08
N GLY B 482 -13.98 1.03 29.41
CA GLY B 482 -15.20 1.68 28.95
C GLY B 482 -15.93 0.78 27.98
N LEU B 483 -15.21 0.10 27.09
CA LEU B 483 -15.84 -0.80 26.13
C LEU B 483 -16.50 -2.01 26.78
N LEU B 484 -15.75 -2.66 27.68
CA LEU B 484 -16.24 -3.84 28.38
C LEU B 484 -17.31 -3.57 29.44
N LEU B 485 -17.24 -2.42 30.11
CA LEU B 485 -18.18 -2.06 31.17
C LEU B 485 -19.43 -1.27 30.77
N GLU B 486 -19.57 -0.94 29.50
CA GLU B 486 -20.76 -0.21 29.04
C GLU B 486 -21.94 -1.17 28.94
N LYS B 487 -23.13 -0.64 29.13
CA LYS B 487 -24.34 -1.44 29.11
C LYS B 487 -24.65 -2.08 27.79
N CYS B 488 -24.97 -3.36 27.84
CA CYS B 488 -25.30 -4.13 26.65
C CYS B 488 -26.64 -3.83 25.96
N HIS B 489 -26.61 -3.81 24.63
CA HIS B 489 -27.82 -3.60 23.84
C HIS B 489 -28.76 -4.71 24.25
N PRO B 490 -30.03 -4.38 24.56
CA PRO B 490 -31.10 -5.30 24.97
C PRO B 490 -30.76 -6.78 25.17
N ASN B 491 -30.51 -7.51 24.07
CA ASN B 491 -30.17 -8.93 24.16
C ASN B 491 -28.97 -9.15 23.28
N SER B 492 -28.00 -8.27 23.43
CA SER B 492 -26.81 -8.35 22.62
C SER B 492 -25.59 -8.74 23.41
N ILE B 493 -24.62 -9.28 22.68
CA ILE B 493 -23.37 -9.77 23.21
C ILE B 493 -22.53 -8.63 23.78
N PHE B 494 -22.88 -7.41 23.40
CA PHE B 494 -22.23 -6.21 23.88
C PHE B 494 -23.05 -4.99 23.56
N GLY B 495 -22.50 -3.84 23.91
CA GLY B 495 -23.19 -2.58 23.69
C GLY B 495 -22.90 -1.77 22.44
N GLU B 496 -23.31 -0.50 22.52
CA GLU B 496 -23.19 0.43 21.42
C GLU B 496 -21.77 0.70 20.92
N SER B 497 -20.89 1.19 21.78
CA SER B 497 -19.53 1.48 21.36
C SER B 497 -18.78 0.33 20.67
N MET B 498 -19.01 -0.91 21.10
CA MET B 498 -18.31 -2.05 20.51
C MET B 498 -18.60 -2.12 19.02
N ILE B 499 -19.87 -1.98 18.69
CA ILE B 499 -20.34 -2.02 17.31
C ILE B 499 -19.93 -0.74 16.56
N GLU B 500 -20.29 0.40 17.12
CA GLU B 500 -20.00 1.69 16.52
C GLU B 500 -18.51 2.00 16.27
N MET B 501 -17.63 1.37 17.04
CA MET B 501 -16.18 1.56 16.93
C MET B 501 -15.51 0.36 16.26
N GLY B 502 -16.09 -0.82 16.43
CA GLY B 502 -15.50 -2.01 15.86
C GLY B 502 -15.85 -2.25 14.42
N ALA B 503 -17.12 -2.11 14.05
CA ALA B 503 -17.56 -2.35 12.70
C ALA B 503 -16.76 -1.66 11.61
N PRO B 504 -16.42 -0.37 11.78
CA PRO B 504 -15.62 0.27 10.73
C PRO B 504 -14.26 -0.40 10.60
N PHE B 505 -13.57 -0.58 11.72
CA PHE B 505 -12.28 -1.22 11.70
C PHE B 505 -12.44 -2.52 10.94
N LEU B 507 -15.07 -3.75 8.78
CA LEU B 507 -15.43 -3.68 7.37
C LEU B 507 -14.42 -3.05 6.44
N LYS B 508 -13.62 -2.12 6.93
CA LYS B 508 -12.59 -1.51 6.08
C LYS B 508 -11.48 -2.54 5.87
N GLY B 509 -11.19 -3.28 6.94
CA GLY B 509 -10.17 -4.30 6.88
C GLY B 509 -10.60 -5.52 6.11
N LEU B 510 -11.84 -5.54 5.67
CA LEU B 510 -12.32 -6.70 4.93
C LEU B 510 -12.43 -6.37 3.45
N LEU B 511 -13.02 -5.22 3.13
CA LEU B 511 -13.14 -4.86 1.74
C LEU B 511 -11.84 -4.26 1.23
N GLY B 512 -11.08 -3.62 2.09
CA GLY B 512 -9.81 -3.02 1.66
C GLY B 512 -8.65 -3.99 1.48
N ASN B 513 -8.94 -5.12 0.84
CA ASN B 513 -7.96 -6.16 0.57
C ASN B 513 -7.80 -6.08 -0.95
N PRO B 514 -6.56 -6.18 -1.46
CA PRO B 514 -6.41 -6.08 -2.90
C PRO B 514 -7.30 -6.99 -3.73
N ILE B 515 -7.77 -8.11 -3.19
CA ILE B 515 -8.61 -8.93 -4.02
C ILE B 515 -10.02 -8.38 -4.21
N CYS B 516 -10.42 -7.42 -3.41
CA CYS B 516 -11.76 -6.89 -3.58
C CYS B 516 -11.77 -5.76 -4.57
N SER B 517 -10.59 -5.42 -5.05
CA SER B 517 -10.46 -4.35 -6.03
C SER B 517 -10.92 -4.90 -7.35
N PRO B 518 -11.43 -4.03 -8.21
CA PRO B 518 -11.94 -4.41 -9.52
C PRO B 518 -10.85 -5.01 -10.40
N GLU B 519 -9.61 -4.78 -9.99
CA GLU B 519 -8.46 -5.26 -10.73
C GLU B 519 -8.26 -6.76 -10.57
N TYR B 520 -8.42 -7.24 -9.34
CA TYR B 520 -8.24 -8.65 -9.01
C TYR B 520 -9.53 -9.47 -8.97
N TRP B 521 -10.68 -8.81 -8.80
CA TRP B 521 -11.95 -9.52 -8.73
C TRP B 521 -12.39 -9.97 -10.10
N LYS B 522 -11.46 -10.65 -10.78
CA LYS B 522 -11.68 -11.20 -12.10
C LYS B 522 -11.68 -12.71 -11.83
N ALA B 523 -12.45 -13.46 -12.60
CA ALA B 523 -12.48 -14.91 -12.40
C ALA B 523 -11.15 -15.57 -12.74
N SER B 524 -10.30 -14.87 -13.49
CA SER B 524 -8.99 -15.42 -13.87
C SER B 524 -8.06 -15.43 -12.66
N THR B 525 -8.27 -14.49 -11.74
CA THR B 525 -7.46 -14.42 -10.54
C THR B 525 -7.54 -15.69 -9.72
N PHE B 526 -8.69 -16.35 -9.81
CA PHE B 526 -8.92 -17.57 -9.05
C PHE B 526 -8.78 -18.90 -9.82
N GLY B 527 -8.26 -18.82 -11.06
CA GLY B 527 -8.08 -20.01 -11.86
C GLY B 527 -9.27 -20.36 -12.74
N GLY B 528 -10.24 -19.46 -12.83
CA GLY B 528 -11.39 -19.73 -13.67
C GLY B 528 -12.66 -19.77 -12.85
N GLU B 529 -13.80 -19.93 -13.51
CA GLU B 529 -15.07 -19.97 -12.82
C GLU B 529 -15.09 -20.95 -11.64
N VAL B 530 -14.25 -21.99 -11.71
CA VAL B 530 -14.18 -22.98 -10.63
C VAL B 530 -13.77 -22.28 -9.36
N GLY B 531 -12.47 -21.98 -9.28
CA GLY B 531 -11.94 -21.31 -8.11
C GLY B 531 -12.83 -20.16 -7.70
N PHE B 532 -13.28 -19.41 -8.69
CA PHE B 532 -14.11 -18.25 -8.43
C PHE B 532 -15.33 -18.54 -7.62
N ASN B 533 -16.06 -19.58 -8.01
CA ASN B 533 -17.25 -19.93 -7.27
C ASN B 533 -16.96 -20.34 -5.85
N LEU B 534 -15.85 -21.07 -5.65
CA LEU B 534 -15.45 -21.50 -4.31
C LEU B 534 -15.54 -20.26 -3.44
N VAL B 535 -15.00 -19.17 -3.96
CA VAL B 535 -15.03 -17.93 -3.23
C VAL B 535 -16.45 -17.44 -3.12
N LYS B 536 -17.14 -17.37 -4.25
CA LYS B 536 -18.48 -16.85 -4.24
C LYS B 536 -19.50 -17.70 -3.52
N THR B 537 -19.16 -18.90 -3.11
CA THR B 537 -20.16 -19.74 -2.44
C THR B 537 -19.79 -20.42 -1.13
N ALA B 538 -18.76 -19.91 -0.44
CA ALA B 538 -18.30 -20.51 0.80
C ALA B 538 -19.25 -20.55 2.00
N THR B 539 -19.05 -21.59 2.79
CA THR B 539 -19.89 -21.83 3.95
C THR B 539 -19.04 -22.43 5.04
N LEU B 540 -19.31 -22.01 6.28
CA LEU B 540 -18.60 -22.51 7.43
C LEU B 540 -18.79 -24.02 7.39
N LYS B 541 -20.03 -24.42 7.11
CA LYS B 541 -20.40 -25.85 7.01
C LYS B 541 -19.67 -26.55 5.88
N LYS B 542 -19.63 -25.91 4.71
CA LYS B 542 -18.94 -26.51 3.59
C LYS B 542 -17.46 -26.65 3.95
N LEU B 543 -16.93 -25.65 4.65
CA LEU B 543 -15.53 -25.61 5.09
C LEU B 543 -15.19 -26.84 5.91
N VAL B 544 -15.99 -27.13 6.93
CA VAL B 544 -15.69 -28.29 7.74
C VAL B 544 -16.04 -29.59 7.01
N CYS B 545 -17.31 -29.70 6.68
CA CYS B 545 -17.83 -30.90 6.08
C CYS B 545 -17.21 -31.46 4.83
N LEU B 546 -16.63 -30.61 4.00
CA LEU B 546 -15.99 -31.14 2.80
C LEU B 546 -14.63 -31.69 3.13
N ASN B 547 -14.13 -31.35 4.31
CA ASN B 547 -12.83 -31.83 4.69
C ASN B 547 -12.88 -32.86 5.80
N THR B 548 -14.07 -33.38 6.07
CA THR B 548 -14.22 -34.39 7.10
C THR B 548 -15.03 -35.58 6.64
N LYS B 549 -14.64 -36.77 7.11
CA LYS B 549 -15.29 -38.04 6.77
C LYS B 549 -16.77 -38.04 7.09
N THR B 550 -17.18 -37.13 7.96
CA THR B 550 -18.57 -37.05 8.34
C THR B 550 -18.87 -35.63 8.79
N CYS B 551 -19.99 -35.10 8.33
CA CYS B 551 -20.42 -33.75 8.67
C CYS B 551 -21.20 -33.70 9.98
N PRO B 552 -20.72 -32.92 10.96
CA PRO B 552 -21.40 -32.82 12.25
C PRO B 552 -22.25 -31.55 12.31
N TYR B 553 -22.71 -31.20 13.50
CA TYR B 553 -23.47 -29.96 13.63
C TYR B 553 -22.39 -28.91 13.53
N VAL B 554 -22.50 -28.00 12.58
CA VAL B 554 -21.50 -26.95 12.44
C VAL B 554 -22.24 -25.65 12.37
N SER B 555 -21.88 -24.69 13.20
CA SER B 555 -22.55 -23.41 13.19
C SER B 555 -21.99 -22.45 14.21
N PHE B 556 -22.12 -21.16 13.96
CA PHE B 556 -21.64 -20.16 14.92
C PHE B 556 -22.68 -19.96 16.01
N HIS B 557 -23.88 -20.42 15.73
CA HIS B 557 -25.00 -20.33 16.64
C HIS B 557 -25.15 -21.69 17.29
N VAL B 558 -25.30 -21.71 18.61
CA VAL B 558 -25.48 -22.96 19.33
C VAL B 558 -26.84 -23.46 18.90
N PRO B 559 -27.01 -24.77 18.70
CA PRO B 559 -28.30 -25.33 18.28
C PRO B 559 -29.44 -24.95 19.21
#